data_6NU4
#
_entry.id   6NU4
#
_entity_poly.entity_id   1
_entity_poly.type   'polypeptide(L)'
_entity_poly.pdbx_seq_one_letter_code
;EASVRYITYPAIDRGDHAVHCDKAHPNTCKKKQANPYRRGCGVLEGCHRETGPKPT
;
_entity_poly.pdbx_strand_id   A
#
# COMPACT_ATOMS: atom_id res chain seq x y z
N GLU A 1 -11.45 -0.05 -29.13
CA GLU A 1 -10.94 -1.30 -28.48
C GLU A 1 -10.76 -1.06 -26.99
N ALA A 2 -9.90 -0.08 -26.65
CA ALA A 2 -9.63 0.25 -25.24
C ALA A 2 -9.24 -1.01 -24.43
N SER A 3 -8.57 -1.95 -25.11
CA SER A 3 -8.13 -3.19 -24.47
C SER A 3 -7.12 -2.90 -23.37
N VAL A 4 -7.26 -3.62 -22.24
CA VAL A 4 -6.37 -3.44 -21.10
C VAL A 4 -6.21 -4.75 -20.31
N ARG A 5 -4.98 -5.02 -19.87
CA ARG A 5 -4.68 -6.23 -19.11
C ARG A 5 -3.59 -5.96 -18.06
N TYR A 6 -3.78 -6.53 -16.86
CA TYR A 6 -2.81 -6.39 -15.78
C TYR A 6 -2.46 -7.75 -15.20
N ILE A 7 -1.23 -7.88 -14.72
CA ILE A 7 -0.78 -9.13 -14.11
C ILE A 7 -0.02 -8.84 -12.81
N THR A 8 -0.30 -9.64 -11.77
CA THR A 8 0.34 -9.46 -10.46
C THR A 8 1.09 -10.73 -10.06
N TYR A 9 2.36 -10.56 -9.64
CA TYR A 9 3.18 -11.67 -9.18
C TYR A 9 2.68 -12.16 -7.80
N PRO A 10 2.93 -13.44 -7.42
CA PRO A 10 2.43 -13.99 -6.11
C PRO A 10 3.14 -13.35 -4.91
N ALA A 11 2.40 -13.22 -3.81
CA ALA A 11 2.92 -12.64 -2.58
C ALA A 11 2.13 -13.15 -1.38
N ILE A 12 2.77 -13.11 -0.20
CA ILE A 12 2.11 -13.58 1.04
C ILE A 12 0.92 -12.68 1.39
N ASP A 13 1.21 -11.41 1.72
CA ASP A 13 0.16 -10.43 2.07
C ASP A 13 0.78 -9.04 2.34
N ARG A 14 1.66 -8.60 1.42
CA ARG A 14 2.33 -7.30 1.56
C ARG A 14 1.56 -6.21 0.84
N GLY A 15 1.12 -5.20 1.61
CA GLY A 15 0.40 -4.06 1.06
C GLY A 15 1.34 -2.88 0.82
N ASP A 16 0.76 -1.75 0.39
CA ASP A 16 1.54 -0.53 0.14
C ASP A 16 0.89 0.69 0.78
N HIS A 17 -0.25 1.15 0.20
CA HIS A 17 -0.95 2.33 0.71
C HIS A 17 -1.66 2.04 2.04
N ALA A 18 -2.43 0.94 2.08
CA ALA A 18 -3.16 0.56 3.30
C ALA A 18 -3.84 -0.80 3.12
N VAL A 19 -4.08 -1.49 4.25
CA VAL A 19 -4.76 -2.78 4.23
C VAL A 19 -5.87 -2.83 5.29
N HIS A 20 -6.89 -3.65 5.04
CA HIS A 20 -8.00 -3.81 5.98
C HIS A 20 -7.55 -4.60 7.21
N CYS A 21 -7.95 -4.13 8.40
CA CYS A 21 -7.59 -4.81 9.64
C CYS A 21 -8.70 -5.74 10.10
N ASP A 22 -8.32 -6.97 10.47
CA ASP A 22 -9.29 -7.97 10.92
C ASP A 22 -9.86 -7.58 12.28
N LYS A 23 -11.16 -7.76 12.45
CA LYS A 23 -11.80 -7.47 13.74
C LYS A 23 -11.35 -8.47 14.81
N ALA A 24 -10.98 -9.68 14.36
CA ALA A 24 -10.52 -10.75 15.25
C ALA A 24 -9.00 -10.74 15.37
N HIS A 25 -8.33 -10.31 14.29
CA HIS A 25 -6.88 -10.19 14.26
C HIS A 25 -6.45 -8.77 13.82
N PRO A 26 -6.95 -7.71 14.51
CA PRO A 26 -6.56 -6.30 14.18
C PRO A 26 -5.12 -5.99 14.62
N ASN A 27 -4.63 -6.76 15.61
CA ASN A 27 -3.28 -6.58 16.12
C ASN A 27 -2.20 -7.06 15.13
N THR A 28 -2.61 -7.86 14.14
CA THR A 28 -1.70 -8.30 13.09
C THR A 28 -1.63 -7.24 11.99
N CYS A 29 -2.78 -6.62 11.73
CA CYS A 29 -2.91 -5.60 10.73
C CYS A 29 -2.06 -4.39 11.06
N LYS A 30 -1.25 -3.96 10.09
CA LYS A 30 -0.37 -2.81 10.26
C LYS A 30 -0.38 -1.94 9.00
N LYS A 31 -0.45 -0.62 9.20
CA LYS A 31 -0.41 0.34 8.10
C LYS A 31 0.94 0.28 7.41
N LYS A 32 1.99 0.15 8.23
CA LYS A 32 3.36 0.13 7.74
C LYS A 32 4.14 -0.94 8.49
N GLN A 33 5.16 -1.52 7.83
CA GLN A 33 5.95 -2.57 8.47
C GLN A 33 7.37 -2.64 7.91
N ALA A 34 8.17 -3.46 8.55
CA ALA A 34 9.55 -3.69 8.17
C ALA A 34 9.85 -5.19 8.22
N ASN A 35 11.13 -5.56 8.08
CA ASN A 35 11.51 -6.96 8.08
C ASN A 35 11.08 -7.62 9.42
N PRO A 36 10.74 -8.92 9.43
CA PRO A 36 10.25 -9.61 10.66
C PRO A 36 11.36 -9.83 11.69
N TYR A 37 12.59 -9.88 11.18
CA TYR A 37 13.76 -10.10 12.00
C TYR A 37 14.21 -8.81 12.68
N ARG A 38 14.38 -8.88 14.01
CA ARG A 38 14.83 -7.73 14.80
C ARG A 38 16.11 -8.03 15.51
N ARG A 39 16.93 -6.99 15.65
CA ARG A 39 18.17 -7.09 16.36
C ARG A 39 18.54 -5.74 16.97
N GLY A 40 18.94 -5.77 18.24
CA GLY A 40 19.32 -4.54 18.96
C GLY A 40 20.82 -4.51 19.23
N CYS A 41 21.38 -3.29 19.25
CA CYS A 41 22.81 -3.11 19.50
C CYS A 41 23.06 -2.96 21.00
N GLY A 42 23.78 -3.94 21.57
CA GLY A 42 24.06 -3.95 23.02
C GLY A 42 25.58 -4.02 23.32
N VAL A 43 26.41 -3.69 22.33
CA VAL A 43 27.87 -3.73 22.50
C VAL A 43 28.33 -2.71 23.55
N LEU A 44 27.59 -1.60 23.65
CA LEU A 44 27.89 -0.52 24.63
C LEU A 44 29.21 0.22 24.34
N GLU A 45 29.95 -0.22 23.30
CA GLU A 45 31.20 0.43 22.91
C GLU A 45 30.94 1.84 22.39
N GLY A 46 29.82 2.00 21.68
CA GLY A 46 29.43 3.28 21.09
C GLY A 46 28.37 3.06 20.02
N CYS A 47 28.55 2.01 19.22
CA CYS A 47 27.59 1.65 18.17
C CYS A 47 27.30 2.84 17.27
N HIS A 48 27.95 2.87 16.11
CA HIS A 48 27.77 3.95 15.13
C HIS A 48 27.40 3.38 13.77
N ARG A 49 26.49 4.07 13.08
CA ARG A 49 26.02 3.64 11.76
C ARG A 49 26.20 4.78 10.75
N GLU A 50 26.63 4.43 9.53
CA GLU A 50 26.84 5.40 8.46
C GLU A 50 26.07 5.00 7.23
N THR A 51 25.81 5.99 6.38
CA THR A 51 25.07 5.77 5.15
C THR A 51 25.82 4.79 4.25
N GLY A 52 27.14 4.96 4.17
CA GLY A 52 27.98 4.12 3.35
C GLY A 52 29.45 4.32 3.69
N PRO A 53 30.39 3.60 3.03
CA PRO A 53 31.85 3.75 3.32
C PRO A 53 32.42 5.07 2.80
N LYS A 54 31.87 5.55 1.68
CA LYS A 54 32.34 6.79 1.05
C LYS A 54 31.15 7.66 0.55
N PRO A 55 30.22 8.05 1.44
CA PRO A 55 29.06 8.95 1.06
C PRO A 55 29.54 10.32 0.60
N THR A 56 30.73 10.73 1.08
CA THR A 56 31.30 12.03 0.74
C THR A 56 31.35 12.22 -0.78
N GLU A 1 12.99 -15.56 -36.00
CA GLU A 1 11.85 -15.04 -35.18
C GLU A 1 12.24 -13.70 -34.54
N ALA A 2 13.51 -13.59 -34.11
CA ALA A 2 14.03 -12.36 -33.46
C ALA A 2 13.54 -12.23 -32.02
N SER A 3 12.22 -12.33 -31.83
CA SER A 3 11.59 -12.22 -30.50
C SER A 3 11.82 -10.84 -29.90
N VAL A 4 10.79 -10.29 -29.26
CA VAL A 4 10.87 -8.96 -28.64
C VAL A 4 10.31 -8.97 -27.22
N ARG A 5 10.72 -7.97 -26.43
CA ARG A 5 10.26 -7.83 -25.04
C ARG A 5 9.55 -6.48 -24.87
N TYR A 6 8.34 -6.53 -24.31
CA TYR A 6 7.53 -5.33 -24.13
C TYR A 6 7.47 -4.93 -22.66
N ILE A 7 7.18 -5.92 -21.80
CA ILE A 7 7.08 -5.68 -20.35
C ILE A 7 8.12 -6.52 -19.59
N THR A 8 8.90 -5.86 -18.73
CA THR A 8 9.95 -6.54 -17.97
C THR A 8 9.40 -7.37 -16.80
N TYR A 9 8.25 -6.94 -16.23
CA TYR A 9 7.64 -7.66 -15.09
C TYR A 9 6.19 -8.12 -15.40
N PRO A 10 5.77 -9.34 -15.00
CA PRO A 10 4.38 -9.83 -15.24
C PRO A 10 3.35 -9.20 -14.28
N ALA A 11 3.83 -8.78 -13.09
CA ALA A 11 2.95 -8.18 -12.08
C ALA A 11 3.75 -7.33 -11.09
N ILE A 12 3.06 -6.42 -10.40
CA ILE A 12 3.72 -5.54 -9.42
C ILE A 12 4.08 -6.34 -8.16
N ASP A 13 3.07 -6.89 -7.49
CA ASP A 13 3.27 -7.70 -6.29
C ASP A 13 1.92 -8.28 -5.79
N ARG A 14 1.31 -9.11 -6.65
CA ARG A 14 0.01 -9.72 -6.32
C ARG A 14 0.17 -10.78 -5.22
N GLY A 15 -0.84 -10.86 -4.34
CA GLY A 15 -0.81 -11.83 -3.24
C GLY A 15 -1.92 -11.57 -2.23
N ASP A 16 -3.13 -11.32 -2.74
CA ASP A 16 -4.30 -11.10 -1.89
C ASP A 16 -4.02 -10.00 -0.84
N HIS A 17 -3.44 -8.88 -1.29
CA HIS A 17 -3.12 -7.76 -0.40
C HIS A 17 -4.39 -7.02 0.02
N ALA A 18 -4.37 -6.50 1.26
CA ALA A 18 -5.52 -5.77 1.80
C ALA A 18 -5.05 -4.73 2.82
N VAL A 19 -5.84 -3.66 2.98
CA VAL A 19 -5.51 -2.59 3.94
C VAL A 19 -6.40 -2.63 5.18
N HIS A 20 -7.55 -3.33 5.08
CA HIS A 20 -8.47 -3.45 6.20
C HIS A 20 -7.88 -4.32 7.31
N CYS A 21 -8.16 -3.94 8.56
CA CYS A 21 -7.66 -4.68 9.72
C CYS A 21 -8.71 -5.70 10.17
N ASP A 22 -8.26 -6.92 10.47
CA ASP A 22 -9.17 -7.97 10.91
C ASP A 22 -9.77 -7.62 12.25
N LYS A 23 -11.09 -7.80 12.37
CA LYS A 23 -11.78 -7.51 13.62
C LYS A 23 -11.42 -8.55 14.70
N ALA A 24 -10.95 -9.73 14.26
CA ALA A 24 -10.50 -10.79 15.18
C ALA A 24 -8.99 -10.75 15.34
N HIS A 25 -8.29 -10.27 14.29
CA HIS A 25 -6.84 -10.15 14.30
C HIS A 25 -6.41 -8.70 13.89
N PRO A 26 -6.93 -7.67 14.57
CA PRO A 26 -6.55 -6.24 14.26
C PRO A 26 -5.11 -5.94 14.69
N ASN A 27 -4.64 -6.71 15.67
CA ASN A 27 -3.29 -6.57 16.20
C ASN A 27 -2.25 -6.90 15.13
N THR A 28 -2.57 -7.87 14.25
CA THR A 28 -1.66 -8.30 13.18
C THR A 28 -1.86 -7.46 11.90
N CYS A 29 -2.81 -6.52 11.94
CA CYS A 29 -3.10 -5.67 10.80
C CYS A 29 -1.86 -4.86 10.42
N LYS A 30 -1.61 -4.79 9.11
CA LYS A 30 -0.44 -4.10 8.58
C LYS A 30 -0.53 -2.60 8.85
N LYS A 31 0.55 -2.04 9.38
CA LYS A 31 0.63 -0.61 9.69
C LYS A 31 1.98 -0.06 9.26
N LYS A 32 2.04 1.23 8.95
CA LYS A 32 3.29 1.86 8.50
C LYS A 32 3.68 3.08 9.35
N GLN A 33 2.99 4.22 9.13
CA GLN A 33 3.22 5.51 9.86
C GLN A 33 4.57 5.58 10.64
N ALA A 34 4.62 4.96 11.82
CA ALA A 34 5.83 4.96 12.66
C ALA A 34 7.01 4.35 11.90
N ASN A 35 8.22 4.57 12.42
CA ASN A 35 9.44 4.06 11.78
C ASN A 35 9.43 2.52 11.73
N PRO A 36 10.10 1.90 10.73
CA PRO A 36 10.12 0.42 10.56
C PRO A 36 11.04 -0.26 11.58
N TYR A 37 12.00 0.51 12.08
CA TYR A 37 12.97 0.02 13.04
C TYR A 37 12.27 -0.47 14.33
N ARG A 38 12.63 -1.67 14.76
CA ARG A 38 12.04 -2.28 15.96
C ARG A 38 13.11 -2.49 17.02
N ARG A 39 12.72 -2.25 18.27
CA ARG A 39 13.62 -2.41 19.40
C ARG A 39 12.89 -3.08 20.55
N GLY A 40 13.45 -4.19 21.04
CA GLY A 40 12.86 -4.94 22.15
C GLY A 40 13.29 -4.34 23.48
N CYS A 41 12.79 -4.93 24.58
CA CYS A 41 13.14 -4.46 25.93
C CYS A 41 14.55 -4.90 26.31
N GLY A 42 15.18 -4.12 27.19
CA GLY A 42 16.55 -4.42 27.64
C GLY A 42 16.58 -5.04 29.06
N VAL A 43 15.40 -5.32 29.62
CA VAL A 43 15.31 -5.93 30.96
C VAL A 43 15.92 -7.33 30.99
N LEU A 44 15.84 -8.02 29.84
CA LEU A 44 16.41 -9.38 29.69
C LEU A 44 15.73 -10.41 30.64
N GLU A 45 14.67 -9.98 31.35
CA GLU A 45 13.92 -10.88 32.23
C GLU A 45 13.21 -11.97 31.45
N GLY A 46 12.73 -11.60 30.26
CA GLY A 46 11.99 -12.51 29.38
C GLY A 46 11.00 -11.73 28.50
N CYS A 47 10.62 -10.53 28.94
CA CYS A 47 9.71 -9.67 28.17
C CYS A 47 8.39 -10.40 27.88
N HIS A 48 7.85 -11.03 28.93
CA HIS A 48 6.59 -11.77 28.82
C HIS A 48 5.44 -10.84 28.40
N ARG A 49 5.38 -9.66 29.02
CA ARG A 49 4.33 -8.68 28.73
C ARG A 49 4.82 -7.26 28.98
N GLU A 50 4.09 -6.29 28.43
CA GLU A 50 4.45 -4.88 28.59
C GLU A 50 3.21 -3.99 28.53
N THR A 51 2.48 -4.04 27.40
CA THR A 51 1.28 -3.23 27.21
C THR A 51 0.29 -3.92 26.27
N GLY A 52 -1.00 -3.66 26.48
CA GLY A 52 -2.06 -4.23 25.64
C GLY A 52 -3.43 -3.60 25.99
N PRO A 53 -4.46 -3.74 25.12
CA PRO A 53 -5.81 -3.16 25.38
C PRO A 53 -6.56 -3.90 26.49
N LYS A 54 -7.36 -3.17 27.26
CA LYS A 54 -8.16 -3.77 28.34
C LYS A 54 -9.57 -3.12 28.46
N PRO A 55 -10.55 -3.54 27.64
CA PRO A 55 -11.94 -2.99 27.72
C PRO A 55 -12.63 -3.36 29.05
N THR A 56 -12.06 -4.35 29.77
CA THR A 56 -12.64 -4.81 31.03
C THR A 56 -12.79 -3.65 32.00
N GLU A 1 -2.19 -29.84 -3.94
CA GLU A 1 -0.93 -29.45 -3.25
C GLU A 1 0.19 -29.26 -4.28
N ALA A 2 -0.17 -28.66 -5.43
CA ALA A 2 0.79 -28.40 -6.51
C ALA A 2 0.41 -27.14 -7.28
N SER A 3 1.42 -26.47 -7.85
CA SER A 3 1.20 -25.24 -8.62
C SER A 3 0.38 -24.23 -7.80
N VAL A 4 0.03 -23.09 -8.42
CA VAL A 4 -0.75 -22.04 -7.73
C VAL A 4 -2.08 -21.79 -8.48
N ARG A 5 -2.96 -22.80 -8.45
CA ARG A 5 -4.28 -22.70 -9.09
C ARG A 5 -4.19 -22.17 -10.53
N TYR A 6 -5.35 -22.04 -11.18
CA TYR A 6 -5.44 -21.54 -12.56
C TYR A 6 -6.71 -20.72 -12.75
N ILE A 7 -7.85 -21.32 -12.41
CA ILE A 7 -9.15 -20.67 -12.54
C ILE A 7 -9.19 -19.41 -11.64
N THR A 8 -8.73 -19.57 -10.40
CA THR A 8 -8.73 -18.46 -9.43
C THR A 8 -7.36 -18.31 -8.78
N TYR A 9 -7.11 -17.10 -8.22
CA TYR A 9 -5.83 -16.81 -7.55
C TYR A 9 -6.07 -16.10 -6.19
N PRO A 10 -5.12 -16.17 -5.23
CA PRO A 10 -5.27 -15.51 -3.89
C PRO A 10 -5.17 -13.99 -3.99
N ALA A 11 -5.87 -13.29 -3.08
CA ALA A 11 -5.86 -11.83 -3.04
C ALA A 11 -6.13 -11.32 -1.63
N ILE A 12 -5.53 -10.17 -1.29
CA ILE A 12 -5.71 -9.56 0.04
C ILE A 12 -6.24 -8.14 -0.11
N ASP A 13 -7.52 -7.94 0.27
CA ASP A 13 -8.22 -6.63 0.20
C ASP A 13 -7.68 -5.72 -0.92
N ARG A 14 -7.40 -6.33 -2.06
CA ARG A 14 -6.86 -5.61 -3.22
C ARG A 14 -7.92 -4.70 -3.83
N GLY A 15 -7.48 -3.54 -4.30
CA GLY A 15 -8.38 -2.55 -4.90
C GLY A 15 -8.16 -1.18 -4.27
N ASP A 16 -8.93 -0.19 -4.74
CA ASP A 16 -8.82 1.18 -4.21
C ASP A 16 -9.90 1.45 -3.18
N HIS A 17 -9.50 1.49 -1.90
CA HIS A 17 -10.42 1.75 -0.80
C HIS A 17 -9.66 2.13 0.48
N ALA A 18 -10.42 2.49 1.52
CA ALA A 18 -9.85 2.94 2.80
C ALA A 18 -8.96 1.87 3.44
N VAL A 19 -9.38 0.62 3.32
CA VAL A 19 -8.65 -0.54 3.91
C VAL A 19 -8.81 -0.57 5.43
N HIS A 20 -9.11 -1.75 5.96
CA HIS A 20 -9.30 -1.93 7.42
C HIS A 20 -8.57 -3.17 7.94
N CYS A 21 -8.33 -3.20 9.26
CA CYS A 21 -7.67 -4.33 9.90
C CYS A 21 -8.69 -5.39 10.31
N ASP A 22 -8.21 -6.63 10.51
CA ASP A 22 -9.08 -7.76 10.86
C ASP A 22 -9.73 -7.54 12.22
N LYS A 23 -11.02 -7.86 12.32
CA LYS A 23 -11.75 -7.77 13.59
C LYS A 23 -11.24 -8.83 14.60
N ALA A 24 -10.70 -9.93 14.06
CA ALA A 24 -10.15 -11.02 14.88
C ALA A 24 -8.65 -10.86 15.06
N HIS A 25 -8.00 -10.24 14.07
CA HIS A 25 -6.57 -9.97 14.12
C HIS A 25 -6.31 -8.46 13.83
N PRO A 26 -6.94 -7.54 14.59
CA PRO A 26 -6.75 -6.07 14.38
C PRO A 26 -5.37 -5.59 14.82
N ASN A 27 -4.78 -6.33 15.75
CA ASN A 27 -3.45 -5.99 16.29
C ASN A 27 -2.32 -6.58 15.43
N THR A 28 -2.66 -7.49 14.50
CA THR A 28 -1.66 -8.12 13.64
C THR A 28 -2.03 -8.01 12.15
N CYS A 29 -2.95 -7.08 11.81
CA CYS A 29 -3.39 -6.89 10.43
C CYS A 29 -2.21 -6.51 9.53
N LYS A 30 -2.39 -6.71 8.21
CA LYS A 30 -1.33 -6.47 7.23
C LYS A 30 -0.91 -5.02 7.20
N LYS A 31 -1.88 -4.12 7.29
CA LYS A 31 -1.58 -2.69 7.19
C LYS A 31 -2.39 -1.88 8.18
N LYS A 32 -1.82 -0.76 8.60
CA LYS A 32 -2.47 0.17 9.53
C LYS A 32 -2.56 -0.44 10.91
N GLN A 33 -3.00 0.37 11.86
CA GLN A 33 -3.10 -0.09 13.25
C GLN A 33 -4.18 0.68 14.02
N ALA A 34 -4.19 2.00 13.84
CA ALA A 34 -5.18 2.85 14.51
C ALA A 34 -6.60 2.48 14.07
N ASN A 35 -7.51 2.43 15.05
CA ASN A 35 -8.92 2.07 14.78
C ASN A 35 -9.67 3.22 14.09
N PRO A 36 -10.76 2.93 13.33
CA PRO A 36 -11.54 3.98 12.64
C PRO A 36 -12.38 4.81 13.62
N TYR A 37 -12.68 4.19 14.77
CA TYR A 37 -13.45 4.82 15.82
C TYR A 37 -12.50 5.54 16.77
N ARG A 38 -12.71 6.85 16.96
CA ARG A 38 -11.87 7.65 17.83
C ARG A 38 -12.41 7.71 19.24
N ARG A 39 -13.60 8.30 19.39
CA ARG A 39 -14.20 8.46 20.69
C ARG A 39 -15.64 8.96 20.56
N GLY A 40 -16.47 8.61 21.55
CA GLY A 40 -17.87 9.01 21.56
C GLY A 40 -18.02 10.45 22.01
N CYS A 41 -19.27 10.91 22.12
CA CYS A 41 -19.57 12.29 22.52
C CYS A 41 -19.14 12.55 23.96
N GLY A 42 -18.91 13.83 24.27
CA GLY A 42 -18.51 14.24 25.63
C GLY A 42 -19.67 14.88 26.41
N VAL A 43 -20.86 14.96 25.79
CA VAL A 43 -22.04 15.54 26.45
C VAL A 43 -22.50 14.67 27.62
N LEU A 44 -22.24 13.36 27.53
CA LEU A 44 -22.60 12.40 28.58
C LEU A 44 -24.12 12.41 28.88
N GLU A 45 -24.91 13.05 28.01
CA GLU A 45 -26.37 13.10 28.17
C GLU A 45 -26.97 11.71 28.03
N GLY A 46 -26.39 10.92 27.13
CA GLY A 46 -26.85 9.56 26.87
C GLY A 46 -26.07 8.93 25.73
N CYS A 47 -26.00 9.64 24.61
CA CYS A 47 -25.24 9.18 23.45
C CYS A 47 -25.71 7.78 23.02
N HIS A 48 -27.03 7.57 23.05
CA HIS A 48 -27.63 6.28 22.68
C HIS A 48 -29.01 6.45 22.07
N ARG A 49 -29.43 5.43 21.32
CA ARG A 49 -30.74 5.45 20.66
C ARG A 49 -31.88 5.51 21.70
N GLU A 50 -31.81 4.64 22.72
CA GLU A 50 -32.84 4.58 23.76
C GLU A 50 -32.25 4.15 25.08
N THR A 51 -32.99 4.41 26.15
CA THR A 51 -32.58 4.03 27.50
C THR A 51 -32.46 2.51 27.60
N GLY A 52 -33.45 1.81 27.02
CA GLY A 52 -33.48 0.35 27.05
C GLY A 52 -34.67 -0.17 26.21
N PRO A 53 -34.91 -1.50 26.15
CA PRO A 53 -36.03 -2.07 25.33
C PRO A 53 -37.39 -1.74 25.93
N LYS A 54 -38.41 -1.65 25.07
CA LYS A 54 -39.78 -1.35 25.49
C LYS A 54 -40.80 -2.37 24.89
N PRO A 55 -40.79 -3.64 25.37
CA PRO A 55 -41.73 -4.70 24.85
C PRO A 55 -43.19 -4.39 25.18
N THR A 56 -43.40 -3.59 26.24
CA THR A 56 -44.74 -3.23 26.67
C THR A 56 -45.56 -2.64 25.52
N GLU A 1 29.47 12.71 3.68
CA GLU A 1 30.00 11.41 3.16
C GLU A 1 29.37 10.26 3.98
N ALA A 2 28.04 10.34 4.17
CA ALA A 2 27.30 9.32 4.93
C ALA A 2 27.42 7.96 4.25
N SER A 3 27.35 7.95 2.91
CA SER A 3 27.45 6.71 2.13
C SER A 3 27.96 7.00 0.73
N VAL A 4 28.22 5.94 -0.03
CA VAL A 4 28.72 6.07 -1.41
C VAL A 4 27.68 6.75 -2.31
N ARG A 5 26.39 6.59 -1.95
CA ARG A 5 25.30 7.23 -2.69
C ARG A 5 24.63 8.29 -1.83
N TYR A 6 23.95 9.23 -2.49
CA TYR A 6 23.24 10.31 -1.79
C TYR A 6 21.72 10.20 -2.01
N ILE A 7 21.27 9.00 -2.39
CA ILE A 7 19.86 8.76 -2.71
C ILE A 7 19.29 7.60 -1.89
N THR A 8 17.97 7.60 -1.75
CA THR A 8 17.25 6.56 -1.01
C THR A 8 16.17 5.93 -1.90
N TYR A 9 16.05 4.60 -1.84
CA TYR A 9 15.10 3.87 -2.67
C TYR A 9 13.65 4.36 -2.38
N PRO A 10 12.77 4.43 -3.41
CA PRO A 10 11.36 4.92 -3.21
C PRO A 10 10.45 3.85 -2.62
N ALA A 11 9.32 4.29 -2.06
CA ALA A 11 8.33 3.39 -1.47
C ALA A 11 8.94 2.60 -0.32
N ILE A 12 8.67 3.04 0.91
CA ILE A 12 9.16 2.36 2.11
C ILE A 12 8.54 0.96 2.17
N ASP A 13 7.23 0.91 1.92
CA ASP A 13 6.48 -0.34 1.92
C ASP A 13 5.31 -0.24 0.93
N ARG A 14 4.46 0.75 1.18
CA ARG A 14 3.28 1.01 0.32
C ARG A 14 2.51 -0.29 -0.01
N GLY A 15 1.50 -0.18 -0.88
CA GLY A 15 0.69 -1.33 -1.28
C GLY A 15 -0.45 -0.90 -2.20
N ASP A 16 -1.06 -1.87 -2.88
CA ASP A 16 -2.17 -1.58 -3.79
C ASP A 16 -3.50 -1.63 -3.06
N HIS A 17 -3.64 -2.62 -2.16
CA HIS A 17 -4.87 -2.79 -1.36
C HIS A 17 -4.58 -3.45 -0.02
N ALA A 18 -4.36 -2.63 1.01
CA ALA A 18 -4.09 -3.14 2.37
C ALA A 18 -5.39 -3.46 3.15
N VAL A 19 -6.54 -3.12 2.55
CA VAL A 19 -7.88 -3.39 3.11
C VAL A 19 -7.99 -3.05 4.61
N HIS A 20 -9.21 -3.21 5.11
CA HIS A 20 -9.52 -2.92 6.52
C HIS A 20 -8.87 -3.96 7.43
N CYS A 21 -8.50 -3.52 8.65
CA CYS A 21 -7.89 -4.42 9.62
C CYS A 21 -8.83 -5.53 10.02
N ASP A 22 -8.27 -6.68 10.43
CA ASP A 22 -9.06 -7.80 10.84
C ASP A 22 -9.66 -7.53 12.21
N LYS A 23 -10.95 -7.80 12.33
CA LYS A 23 -11.67 -7.60 13.58
C LYS A 23 -11.25 -8.63 14.64
N ALA A 24 -10.79 -9.79 14.18
CA ALA A 24 -10.31 -10.86 15.07
C ALA A 24 -8.79 -10.79 15.21
N HIS A 25 -8.12 -10.24 14.19
CA HIS A 25 -6.68 -10.07 14.19
C HIS A 25 -6.30 -8.61 13.83
N PRO A 26 -6.87 -7.60 14.54
CA PRO A 26 -6.53 -6.17 14.29
C PRO A 26 -5.11 -5.83 14.79
N ASN A 27 -4.67 -6.59 15.79
CA ASN A 27 -3.35 -6.43 16.38
C ASN A 27 -2.25 -6.76 15.36
N THR A 28 -2.53 -7.77 14.51
CA THR A 28 -1.55 -8.21 13.50
C THR A 28 -1.95 -7.78 12.08
N CYS A 29 -2.96 -6.90 11.98
CA CYS A 29 -3.43 -6.43 10.70
C CYS A 29 -2.39 -5.52 10.04
N LYS A 30 -2.61 -5.17 8.77
CA LYS A 30 -1.68 -4.31 8.03
C LYS A 30 -1.73 -2.88 8.55
N LYS A 31 -0.56 -2.23 8.57
CA LYS A 31 -0.44 -0.84 9.05
C LYS A 31 0.29 0.01 8.03
N LYS A 32 -0.02 1.31 8.03
CA LYS A 32 0.59 2.25 7.09
C LYS A 32 1.05 3.52 7.81
N GLN A 33 2.08 4.17 7.26
CA GLN A 33 2.61 5.40 7.83
C GLN A 33 3.23 6.29 6.76
N ALA A 34 3.56 7.51 7.16
CA ALA A 34 4.16 8.49 6.25
C ALA A 34 4.93 9.55 7.03
N ASN A 35 5.89 10.20 6.36
CA ASN A 35 6.69 11.24 6.99
C ASN A 35 5.87 12.51 7.25
N PRO A 36 6.31 13.37 8.20
CA PRO A 36 5.55 14.60 8.56
C PRO A 36 5.78 15.75 7.58
N TYR A 37 6.92 15.70 6.89
CA TYR A 37 7.28 16.71 5.90
C TYR A 37 6.31 16.64 4.70
N ARG A 38 5.82 17.82 4.28
CA ARG A 38 4.91 17.90 3.14
C ARG A 38 5.58 18.61 1.99
N ARG A 39 5.29 18.13 0.79
CA ARG A 39 5.84 18.71 -0.42
C ARG A 39 4.71 19.07 -1.38
N GLY A 40 4.62 20.36 -1.70
CA GLY A 40 3.55 20.85 -2.57
C GLY A 40 3.93 20.74 -4.05
N CYS A 41 2.99 21.13 -4.90
CA CYS A 41 3.18 21.10 -6.35
C CYS A 41 3.74 22.44 -6.84
N GLY A 42 4.99 22.40 -7.37
CA GLY A 42 5.63 23.62 -7.86
C GLY A 42 6.35 23.40 -9.21
N VAL A 43 6.11 22.26 -9.85
CA VAL A 43 6.73 21.95 -11.16
C VAL A 43 6.25 22.92 -12.24
N LEU A 44 4.99 23.36 -12.12
CA LEU A 44 4.38 24.32 -13.06
C LEU A 44 4.26 23.76 -14.50
N GLU A 45 4.65 22.48 -14.70
CA GLU A 45 4.52 21.83 -16.01
C GLU A 45 3.06 21.70 -16.40
N GLY A 46 2.22 21.44 -15.40
CA GLY A 46 0.80 21.31 -15.58
C GLY A 46 0.10 21.41 -14.23
N CYS A 47 0.23 20.35 -13.42
CA CYS A 47 -0.32 20.31 -12.07
C CYS A 47 -1.85 20.34 -12.09
N HIS A 48 -2.42 21.50 -12.40
CA HIS A 48 -3.86 21.67 -12.44
C HIS A 48 -4.39 21.25 -13.81
N ARG A 49 -5.45 20.43 -13.80
CA ARG A 49 -6.06 19.92 -15.03
C ARG A 49 -6.56 21.08 -15.90
N GLU A 50 -7.14 22.10 -15.25
CA GLU A 50 -7.73 23.26 -15.95
C GLU A 50 -9.04 22.87 -16.64
N THR A 51 -9.68 21.82 -16.12
CA THR A 51 -10.96 21.35 -16.63
C THR A 51 -11.62 20.43 -15.61
N GLY A 52 -12.40 21.02 -14.71
CA GLY A 52 -13.09 20.27 -13.66
C GLY A 52 -14.07 21.16 -12.88
N PRO A 53 -15.12 21.69 -13.53
CA PRO A 53 -16.13 22.56 -12.84
C PRO A 53 -16.88 21.82 -11.74
N LYS A 54 -16.99 20.48 -11.88
CA LYS A 54 -17.69 19.65 -10.92
C LYS A 54 -19.14 20.13 -10.80
N PRO A 55 -19.93 20.03 -11.90
CA PRO A 55 -21.33 20.54 -11.91
C PRO A 55 -22.22 19.79 -10.92
N THR A 56 -21.82 18.56 -10.58
CA THR A 56 -22.58 17.71 -9.67
C THR A 56 -23.07 18.48 -8.43
N GLU A 1 22.18 -24.22 3.28
CA GLU A 1 21.32 -24.96 2.30
C GLU A 1 21.15 -24.11 1.05
N ALA A 2 21.93 -24.42 0.01
CA ALA A 2 21.86 -23.69 -1.25
C ALA A 2 20.47 -23.81 -1.87
N SER A 3 19.91 -25.02 -1.82
CA SER A 3 18.57 -25.28 -2.36
C SER A 3 18.41 -24.68 -3.78
N VAL A 4 17.18 -24.72 -4.31
CA VAL A 4 16.89 -24.16 -5.63
C VAL A 4 15.49 -23.53 -5.65
N ARG A 5 15.41 -22.26 -6.05
CA ARG A 5 14.14 -21.54 -6.10
C ARG A 5 14.23 -20.31 -7.01
N TYR A 6 13.21 -20.11 -7.85
CA TYR A 6 13.13 -18.96 -8.73
C TYR A 6 11.75 -18.34 -8.63
N ILE A 7 11.70 -17.00 -8.69
CA ILE A 7 10.44 -16.28 -8.59
C ILE A 7 10.25 -15.36 -9.81
N THR A 8 9.82 -15.97 -10.93
CA THR A 8 9.59 -15.23 -12.19
C THR A 8 8.12 -15.31 -12.65
N TYR A 9 7.29 -16.09 -11.93
CA TYR A 9 5.88 -16.26 -12.29
C TYR A 9 5.09 -14.96 -11.99
N PRO A 10 4.02 -14.65 -12.77
CA PRO A 10 3.20 -13.42 -12.55
C PRO A 10 2.27 -13.55 -11.35
N ALA A 11 2.01 -12.43 -10.67
CA ALA A 11 1.12 -12.41 -9.52
C ALA A 11 0.52 -11.02 -9.32
N ILE A 12 -0.77 -10.99 -8.97
CA ILE A 12 -1.46 -9.70 -8.73
C ILE A 12 -2.40 -9.85 -7.48
N ASP A 13 -3.73 -9.54 -7.62
CA ASP A 13 -4.67 -9.67 -6.51
C ASP A 13 -4.83 -11.13 -6.11
N ARG A 14 -4.95 -11.99 -7.12
CA ARG A 14 -5.11 -13.44 -6.91
C ARG A 14 -6.21 -13.75 -5.85
N GLY A 15 -5.81 -13.85 -4.56
CA GLY A 15 -6.74 -14.15 -3.48
C GLY A 15 -7.52 -12.91 -3.05
N ASP A 16 -8.40 -13.09 -2.06
CA ASP A 16 -9.23 -11.99 -1.55
C ASP A 16 -8.50 -11.23 -0.45
N HIS A 17 -8.07 -10.01 -0.76
CA HIS A 17 -7.36 -9.16 0.21
C HIS A 17 -8.23 -7.98 0.61
N ALA A 18 -8.35 -7.76 1.93
CA ALA A 18 -9.16 -6.67 2.47
C ALA A 18 -8.28 -5.56 3.06
N VAL A 19 -8.57 -4.33 2.65
CA VAL A 19 -7.82 -3.15 3.13
C VAL A 19 -8.02 -2.99 4.64
N HIS A 20 -9.26 -3.17 5.09
CA HIS A 20 -9.61 -3.02 6.50
C HIS A 20 -8.92 -4.08 7.36
N CYS A 21 -8.58 -3.68 8.59
CA CYS A 21 -7.91 -4.59 9.53
C CYS A 21 -8.88 -5.64 10.04
N ASP A 22 -8.34 -6.82 10.40
CA ASP A 22 -9.15 -7.91 10.89
C ASP A 22 -9.72 -7.56 12.23
N LYS A 23 -11.00 -7.83 12.37
CA LYS A 23 -11.72 -7.59 13.59
C LYS A 23 -11.31 -8.57 14.70
N ALA A 24 -10.89 -9.75 14.28
CA ALA A 24 -10.41 -10.79 15.18
C ALA A 24 -8.89 -10.77 15.29
N HIS A 25 -8.24 -10.23 14.24
CA HIS A 25 -6.80 -10.10 14.21
C HIS A 25 -6.40 -8.64 13.82
N PRO A 26 -6.92 -7.62 14.52
CA PRO A 26 -6.55 -6.20 14.24
C PRO A 26 -5.14 -5.88 14.74
N ASN A 27 -4.67 -6.67 15.71
CA ASN A 27 -3.33 -6.49 16.31
C ASN A 27 -2.20 -6.99 15.38
N THR A 28 -2.56 -7.80 14.37
CA THR A 28 -1.58 -8.30 13.39
C THR A 28 -1.72 -7.58 12.03
N CYS A 29 -2.76 -6.75 11.91
CA CYS A 29 -3.04 -5.99 10.70
C CYS A 29 -1.88 -5.05 10.38
N LYS A 30 -1.55 -5.00 9.10
CA LYS A 30 -0.42 -4.24 8.59
C LYS A 30 -0.73 -2.74 8.61
N LYS A 31 0.31 -1.92 8.83
CA LYS A 31 0.13 -0.46 8.96
C LYS A 31 0.54 0.29 7.69
N LYS A 32 1.55 -0.23 6.99
CA LYS A 32 2.08 0.41 5.76
C LYS A 32 2.97 1.60 6.11
N GLN A 33 3.72 2.06 5.12
CA GLN A 33 4.63 3.18 5.31
C GLN A 33 4.98 3.85 3.96
N ALA A 34 5.67 4.98 4.04
CA ALA A 34 6.09 5.71 2.86
C ALA A 34 7.52 6.24 3.02
N ASN A 35 8.30 6.16 1.95
CA ASN A 35 9.69 6.61 1.99
C ASN A 35 9.79 8.15 1.95
N PRO A 36 10.91 8.73 2.44
CA PRO A 36 11.10 10.20 2.45
C PRO A 36 11.60 10.75 1.11
N TYR A 37 12.19 9.87 0.30
CA TYR A 37 12.72 10.25 -1.00
C TYR A 37 11.59 10.31 -2.05
N ARG A 38 11.53 11.43 -2.78
CA ARG A 38 10.53 11.61 -3.84
C ARG A 38 11.11 12.42 -4.98
N ARG A 39 10.82 11.97 -6.20
CA ARG A 39 11.30 12.66 -7.39
C ARG A 39 10.53 12.22 -8.63
N GLY A 40 10.11 13.20 -9.44
CA GLY A 40 9.39 12.92 -10.67
C GLY A 40 10.35 12.63 -11.81
N CYS A 41 9.79 12.36 -12.99
CA CYS A 41 10.60 12.05 -14.18
C CYS A 41 10.92 13.34 -14.93
N GLY A 42 12.22 13.68 -14.98
CA GLY A 42 12.69 14.90 -15.66
C GLY A 42 13.94 14.65 -16.50
N VAL A 43 14.12 13.41 -16.95
CA VAL A 43 15.29 13.04 -17.76
C VAL A 43 15.33 13.81 -19.09
N LEU A 44 14.14 14.13 -19.61
CA LEU A 44 13.99 14.88 -20.89
C LEU A 44 14.49 14.09 -22.11
N GLU A 45 15.00 12.87 -21.89
CA GLU A 45 15.46 12.00 -22.98
C GLU A 45 14.28 11.55 -23.84
N GLY A 46 13.15 11.30 -23.18
CA GLY A 46 11.94 10.84 -23.85
C GLY A 46 11.06 10.12 -22.86
N CYS A 47 10.85 10.76 -21.72
CA CYS A 47 10.06 10.20 -20.63
C CYS A 47 8.63 9.93 -21.08
N HIS A 48 8.01 10.94 -21.73
CA HIS A 48 6.63 10.80 -22.22
C HIS A 48 6.36 11.82 -23.32
N ARG A 49 6.01 11.33 -24.52
CA ARG A 49 5.72 12.20 -25.67
C ARG A 49 4.50 13.08 -25.40
N GLU A 50 3.48 12.49 -24.76
CA GLU A 50 2.19 13.18 -24.46
C GLU A 50 1.26 13.15 -25.68
N THR A 51 1.49 14.04 -26.66
CA THR A 51 0.67 14.09 -27.87
C THR A 51 1.42 14.72 -29.04
N GLY A 52 1.06 14.31 -30.27
CA GLY A 52 1.66 14.84 -31.48
C GLY A 52 0.72 14.67 -32.70
N PRO A 53 0.75 15.60 -33.69
CA PRO A 53 -0.13 15.49 -34.91
C PRO A 53 0.34 14.38 -35.86
N LYS A 54 -0.61 13.81 -36.61
CA LYS A 54 -0.31 12.76 -37.58
C LYS A 54 -0.95 13.08 -38.97
N PRO A 55 -0.45 14.10 -39.70
CA PRO A 55 -1.02 14.48 -41.04
C PRO A 55 -0.75 13.42 -42.12
N THR A 56 0.30 12.63 -41.92
CA THR A 56 0.70 11.60 -42.86
C THR A 56 -0.47 10.69 -43.21
N GLU A 1 5.21 32.97 22.02
CA GLU A 1 3.88 32.82 21.36
C GLU A 1 4.05 32.06 20.05
N ALA A 2 3.83 30.74 20.10
CA ALA A 2 3.95 29.89 18.91
C ALA A 2 2.64 29.16 18.63
N SER A 3 2.14 29.31 17.40
CA SER A 3 0.89 28.66 16.99
C SER A 3 1.08 27.94 15.66
N VAL A 4 0.44 26.76 15.53
CA VAL A 4 0.52 25.97 14.28
C VAL A 4 -0.85 25.45 13.86
N ARG A 5 -0.96 25.08 12.57
CA ARG A 5 -2.21 24.57 12.02
C ARG A 5 -2.49 23.15 12.54
N TYR A 6 -3.78 22.78 12.62
CA TYR A 6 -4.18 21.47 13.13
C TYR A 6 -5.49 21.04 12.48
N ILE A 7 -5.39 20.11 11.54
CA ILE A 7 -6.56 19.59 10.83
C ILE A 7 -6.69 18.08 11.08
N THR A 8 -7.81 17.67 11.69
CA THR A 8 -8.04 16.26 12.00
C THR A 8 -9.43 15.81 11.55
N TYR A 9 -9.47 14.72 10.78
CA TYR A 9 -10.72 14.12 10.32
C TYR A 9 -10.68 12.58 10.44
N PRO A 10 -11.84 11.92 10.61
CA PRO A 10 -11.90 10.42 10.74
C PRO A 10 -11.57 9.68 9.44
N ALA A 11 -11.66 10.41 8.30
CA ALA A 11 -11.40 9.81 6.98
C ALA A 11 -12.38 8.65 6.73
N ILE A 12 -13.55 8.98 6.20
CA ILE A 12 -14.61 7.98 5.98
C ILE A 12 -14.40 7.29 4.63
N ASP A 13 -13.75 6.11 4.67
CA ASP A 13 -13.52 5.30 3.48
C ASP A 13 -12.96 6.15 2.32
N ARG A 14 -12.13 7.12 2.68
CA ARG A 14 -11.54 8.03 1.69
C ARG A 14 -10.59 7.29 0.76
N GLY A 15 -10.54 7.73 -0.51
CA GLY A 15 -9.68 7.11 -1.51
C GLY A 15 -10.45 6.09 -2.34
N ASP A 16 -9.93 5.80 -3.54
CA ASP A 16 -10.58 4.84 -4.45
C ASP A 16 -10.64 3.45 -3.83
N HIS A 17 -9.52 3.03 -3.21
CA HIS A 17 -9.45 1.71 -2.57
C HIS A 17 -8.84 1.81 -1.18
N ALA A 18 -9.30 0.93 -0.27
CA ALA A 18 -8.79 0.92 1.11
C ALA A 18 -8.96 -0.47 1.74
N VAL A 19 -8.08 -0.79 2.70
CA VAL A 19 -8.14 -2.08 3.39
C VAL A 19 -8.27 -1.85 4.90
N HIS A 20 -9.25 -2.53 5.51
CA HIS A 20 -9.49 -2.40 6.95
C HIS A 20 -8.88 -3.57 7.70
N CYS A 21 -8.40 -3.30 8.92
CA CYS A 21 -7.77 -4.33 9.75
C CYS A 21 -8.78 -5.39 10.16
N ASP A 22 -8.27 -6.58 10.46
CA ASP A 22 -9.12 -7.70 10.84
C ASP A 22 -9.71 -7.49 12.21
N LYS A 23 -11.00 -7.84 12.36
CA LYS A 23 -11.68 -7.74 13.66
C LYS A 23 -11.16 -8.79 14.63
N ALA A 24 -10.65 -9.91 14.09
CA ALA A 24 -10.10 -10.99 14.89
C ALA A 24 -8.59 -10.84 15.04
N HIS A 25 -7.96 -10.21 14.03
CA HIS A 25 -6.52 -9.95 14.06
C HIS A 25 -6.25 -8.44 13.77
N PRO A 26 -6.87 -7.51 14.54
CA PRO A 26 -6.65 -6.04 14.35
C PRO A 26 -5.26 -5.62 14.83
N ASN A 27 -4.73 -6.37 15.80
CA ASN A 27 -3.39 -6.08 16.35
C ASN A 27 -2.27 -6.66 15.48
N THR A 28 -2.63 -7.60 14.58
CA THR A 28 -1.67 -8.22 13.66
C THR A 28 -2.11 -8.06 12.19
N CYS A 29 -3.04 -7.13 11.95
CA CYS A 29 -3.57 -6.88 10.61
C CYS A 29 -2.49 -6.30 9.71
N LYS A 30 -2.68 -6.44 8.40
CA LYS A 30 -1.73 -5.91 7.41
C LYS A 30 -0.38 -6.65 7.49
N LYS A 31 0.64 -6.13 6.78
CA LYS A 31 1.97 -6.73 6.76
C LYS A 31 2.99 -5.77 7.34
N LYS A 32 4.04 -6.35 7.93
CA LYS A 32 5.15 -5.58 8.50
C LYS A 32 4.69 -4.80 9.72
N GLN A 33 5.62 -4.07 10.33
CA GLN A 33 5.31 -3.31 11.52
C GLN A 33 6.29 -2.16 11.72
N ALA A 34 5.96 -1.25 12.64
CA ALA A 34 6.81 -0.10 12.93
C ALA A 34 7.69 -0.38 14.15
N ASN A 35 8.67 0.50 14.38
CA ASN A 35 9.59 0.36 15.51
C ASN A 35 8.84 0.51 16.84
N PRO A 36 9.32 -0.12 17.93
CA PRO A 36 8.64 -0.09 19.25
C PRO A 36 8.80 1.25 19.96
N TYR A 37 9.83 2.00 19.56
CA TYR A 37 10.16 3.26 20.20
C TYR A 37 9.75 4.48 19.31
N ARG A 38 10.73 5.12 18.62
CA ARG A 38 10.46 6.30 17.78
C ARG A 38 11.74 6.78 17.13
N ARG A 39 11.59 7.58 16.07
CA ARG A 39 12.73 8.17 15.39
C ARG A 39 12.69 9.67 15.61
N GLY A 40 13.78 10.21 16.13
CA GLY A 40 13.83 11.63 16.46
C GLY A 40 13.85 12.51 15.22
N CYS A 41 13.31 13.72 15.37
CA CYS A 41 13.25 14.69 14.27
C CYS A 41 14.61 15.33 14.02
N GLY A 42 14.78 15.88 12.81
CA GLY A 42 16.04 16.54 12.43
C GLY A 42 15.82 17.74 11.49
N VAL A 43 14.55 18.10 11.25
CA VAL A 43 14.23 19.25 10.38
C VAL A 43 14.72 20.57 10.99
N LEU A 44 14.70 20.62 12.33
CA LEU A 44 15.16 21.82 13.07
C LEU A 44 14.31 23.07 12.79
N GLU A 45 13.24 22.92 11.99
CA GLU A 45 12.34 24.05 11.67
C GLU A 45 11.60 24.51 12.92
N GLY A 46 11.24 23.54 13.76
CA GLY A 46 10.52 23.81 15.00
C GLY A 46 10.03 22.50 15.59
N CYS A 47 10.97 21.74 16.16
CA CYS A 47 10.67 20.43 16.74
C CYS A 47 10.97 20.42 18.23
N HIS A 48 9.93 20.17 19.03
CA HIS A 48 10.05 20.15 20.49
C HIS A 48 9.35 18.93 21.08
N ARG A 49 8.05 18.86 20.83
CA ARG A 49 7.23 17.77 21.34
C ARG A 49 6.16 17.40 20.31
N GLU A 50 6.11 16.10 20.00
CA GLU A 50 5.16 15.57 19.01
C GLU A 50 3.74 15.70 19.51
N THR A 51 3.54 15.32 20.77
CA THR A 51 2.21 15.38 21.39
C THR A 51 2.32 15.82 22.83
N GLY A 52 1.27 16.48 23.33
CA GLY A 52 1.24 16.92 24.71
C GLY A 52 0.28 18.12 24.88
N PRO A 53 0.24 18.75 26.07
CA PRO A 53 -0.63 19.94 26.30
C PRO A 53 -0.08 21.18 25.60
N LYS A 54 -0.93 22.19 25.42
CA LYS A 54 -0.52 23.43 24.75
C LYS A 54 -0.85 24.65 25.65
N PRO A 55 -0.09 24.87 26.76
CA PRO A 55 -0.33 26.03 27.68
C PRO A 55 0.05 27.38 27.03
N THR A 56 0.95 27.32 26.04
CA THR A 56 1.42 28.51 25.35
C THR A 56 0.25 29.32 24.81
N GLU A 1 -8.25 17.86 -27.68
CA GLU A 1 -7.26 17.53 -26.61
C GLU A 1 -6.03 18.42 -26.76
N ALA A 2 -5.65 19.08 -25.65
CA ALA A 2 -4.48 19.97 -25.65
C ALA A 2 -3.68 19.84 -24.34
N SER A 3 -4.23 20.39 -23.24
CA SER A 3 -3.57 20.33 -21.94
C SER A 3 -4.56 20.53 -20.79
N VAL A 4 -4.30 19.88 -19.65
CA VAL A 4 -5.15 20.00 -18.46
C VAL A 4 -4.28 20.05 -17.20
N ARG A 5 -4.63 20.96 -16.28
CA ARG A 5 -3.87 21.12 -15.02
C ARG A 5 -4.40 20.18 -13.93
N TYR A 6 -3.47 19.63 -13.15
CA TYR A 6 -3.82 18.72 -12.05
C TYR A 6 -2.80 18.88 -10.92
N ILE A 7 -3.29 19.04 -9.69
CA ILE A 7 -2.43 19.23 -8.53
C ILE A 7 -2.89 18.35 -7.35
N THR A 8 -1.91 17.80 -6.61
CA THR A 8 -2.18 16.95 -5.46
C THR A 8 -1.09 17.09 -4.39
N TYR A 9 -1.47 16.87 -3.12
CA TYR A 9 -0.53 16.99 -2.01
C TYR A 9 0.49 15.83 -2.02
N PRO A 10 1.73 16.05 -1.53
CA PRO A 10 2.78 14.98 -1.52
C PRO A 10 2.52 13.91 -0.47
N ALA A 11 2.93 12.67 -0.76
CA ALA A 11 2.74 11.54 0.16
C ALA A 11 4.10 10.93 0.59
N ILE A 12 5.09 11.05 -0.30
CA ILE A 12 6.43 10.51 -0.08
C ILE A 12 6.37 8.96 0.09
N ASP A 13 6.44 8.47 1.35
CA ASP A 13 6.36 7.02 1.62
C ASP A 13 4.96 6.61 2.13
N ARG A 14 4.03 7.56 2.14
CA ARG A 14 2.67 7.32 2.62
C ARG A 14 1.90 6.44 1.64
N GLY A 15 1.09 5.51 2.18
CA GLY A 15 0.32 4.59 1.34
C GLY A 15 -1.07 4.33 1.93
N ASP A 16 -1.96 5.30 1.79
CA ASP A 16 -3.33 5.18 2.29
C ASP A 16 -4.10 4.13 1.50
N HIS A 17 -5.05 3.46 2.17
CA HIS A 17 -5.86 2.43 1.52
C HIS A 17 -7.26 2.36 2.13
N ALA A 18 -8.19 1.75 1.39
CA ALA A 18 -9.61 1.67 1.81
C ALA A 18 -9.95 0.32 2.45
N VAL A 19 -8.93 -0.46 2.84
CA VAL A 19 -9.18 -1.78 3.45
C VAL A 19 -8.80 -1.73 4.94
N HIS A 20 -9.79 -2.04 5.80
CA HIS A 20 -9.60 -1.99 7.26
C HIS A 20 -8.89 -3.24 7.80
N CYS A 21 -8.45 -3.17 9.06
CA CYS A 21 -7.77 -4.28 9.73
C CYS A 21 -8.77 -5.36 10.13
N ASP A 22 -8.26 -6.55 10.46
CA ASP A 22 -9.11 -7.67 10.83
C ASP A 22 -9.71 -7.47 12.21
N LYS A 23 -10.98 -7.85 12.35
CA LYS A 23 -11.68 -7.77 13.64
C LYS A 23 -11.14 -8.83 14.62
N ALA A 24 -10.61 -9.92 14.06
CA ALA A 24 -10.04 -11.01 14.85
C ALA A 24 -8.53 -10.83 15.00
N HIS A 25 -7.91 -10.20 14.00
CA HIS A 25 -6.48 -9.92 14.03
C HIS A 25 -6.23 -8.42 13.76
N PRO A 26 -6.87 -7.50 14.53
CA PRO A 26 -6.65 -6.03 14.36
C PRO A 26 -5.27 -5.59 14.86
N ASN A 27 -4.75 -6.33 15.84
CA ASN A 27 -3.42 -6.05 16.41
C ASN A 27 -2.29 -6.60 15.52
N THR A 28 -2.64 -7.53 14.62
CA THR A 28 -1.66 -8.14 13.71
C THR A 28 -2.18 -8.13 12.26
N CYS A 29 -3.04 -7.14 11.95
CA CYS A 29 -3.63 -7.03 10.61
C CYS A 29 -2.58 -6.69 9.56
N LYS A 30 -2.84 -7.14 8.33
CA LYS A 30 -1.94 -6.90 7.20
C LYS A 30 -0.55 -7.47 7.47
N LYS A 31 0.35 -7.30 6.49
CA LYS A 31 1.72 -7.80 6.60
C LYS A 31 2.72 -6.79 6.05
N LYS A 32 3.98 -6.90 6.49
CA LYS A 32 5.03 -5.96 6.06
C LYS A 32 6.26 -6.73 5.59
N GLN A 33 7.02 -6.12 4.67
CA GLN A 33 8.22 -6.75 4.12
C GLN A 33 9.27 -5.69 3.74
N ALA A 34 10.49 -6.16 3.49
CA ALA A 34 11.60 -5.27 3.14
C ALA A 34 11.26 -4.45 1.91
N ASN A 35 11.63 -3.16 1.94
CA ASN A 35 11.37 -2.23 0.85
C ASN A 35 12.32 -2.51 -0.34
N PRO A 36 11.93 -2.13 -1.58
CA PRO A 36 12.78 -2.38 -2.78
C PRO A 36 14.00 -1.44 -2.82
N TYR A 37 13.87 -0.31 -2.13
CA TYR A 37 14.90 0.69 -2.06
C TYR A 37 15.82 0.40 -0.87
N ARG A 38 17.13 0.30 -1.14
CA ARG A 38 18.10 0.01 -0.09
C ARG A 38 18.70 1.31 0.44
N ARG A 39 19.59 1.94 -0.37
CA ARG A 39 20.24 3.18 0.04
C ARG A 39 21.04 3.77 -1.11
N GLY A 40 21.02 5.10 -1.20
CA GLY A 40 21.76 5.81 -2.25
C GLY A 40 22.93 6.59 -1.66
N CYS A 41 23.94 6.90 -2.49
CA CYS A 41 25.12 7.62 -2.04
C CYS A 41 24.77 9.07 -1.68
N GLY A 42 25.55 9.65 -0.77
CA GLY A 42 25.36 11.03 -0.36
C GLY A 42 26.40 11.97 -0.98
N VAL A 43 27.15 11.47 -1.98
CA VAL A 43 28.20 12.28 -2.65
C VAL A 43 27.55 13.43 -3.43
N LEU A 44 26.32 13.19 -3.94
CA LEU A 44 25.59 14.17 -4.73
C LEU A 44 26.30 14.53 -6.06
N GLU A 45 27.39 13.80 -6.37
CA GLU A 45 28.13 14.00 -7.61
C GLU A 45 27.28 13.61 -8.83
N GLY A 46 26.48 12.56 -8.66
CA GLY A 46 25.60 12.06 -9.73
C GLY A 46 25.06 10.69 -9.38
N CYS A 47 25.89 9.87 -8.73
CA CYS A 47 25.49 8.53 -8.30
C CYS A 47 24.94 7.72 -9.48
N HIS A 48 25.62 7.84 -10.63
CA HIS A 48 25.21 7.11 -11.83
C HIS A 48 25.82 5.72 -11.81
N ARG A 49 25.01 4.71 -11.47
CA ARG A 49 25.49 3.32 -11.36
C ARG A 49 25.13 2.52 -12.60
N GLU A 50 26.16 2.18 -13.39
CA GLU A 50 25.99 1.36 -14.59
C GLU A 50 27.35 0.89 -15.12
N THR A 51 27.34 -0.22 -15.86
CA THR A 51 28.57 -0.76 -16.45
C THR A 51 28.27 -1.62 -17.68
N GLY A 52 29.24 -1.69 -18.59
CA GLY A 52 29.11 -2.49 -19.81
C GLY A 52 30.44 -2.51 -20.59
N PRO A 53 30.60 -3.40 -21.60
CA PRO A 53 31.86 -3.47 -22.39
C PRO A 53 32.00 -2.28 -23.34
N LYS A 54 33.25 -1.82 -23.53
CA LYS A 54 33.54 -0.69 -24.43
C LYS A 54 34.93 -0.84 -25.12
N PRO A 55 35.18 -1.96 -25.82
CA PRO A 55 36.48 -2.20 -26.53
C PRO A 55 36.67 -1.24 -27.72
N THR A 56 35.55 -0.75 -28.26
CA THR A 56 35.58 0.16 -29.41
C THR A 56 36.53 1.34 -29.14
N GLU A 1 15.70 -21.16 -28.24
CA GLU A 1 15.08 -22.12 -29.20
C GLU A 1 13.78 -21.54 -29.73
N ALA A 2 13.69 -21.41 -31.06
CA ALA A 2 12.50 -20.86 -31.71
C ALA A 2 11.70 -21.96 -32.42
N SER A 3 10.41 -22.03 -32.13
CA SER A 3 9.53 -23.03 -32.74
C SER A 3 8.07 -22.79 -32.37
N VAL A 4 7.84 -22.48 -31.10
CA VAL A 4 6.48 -22.22 -30.59
C VAL A 4 6.47 -21.02 -29.65
N ARG A 5 5.33 -20.30 -29.61
CA ARG A 5 5.18 -19.12 -28.76
C ARG A 5 5.26 -19.52 -27.28
N TYR A 6 5.85 -18.64 -26.47
CA TYR A 6 5.99 -18.87 -25.04
C TYR A 6 6.17 -17.54 -24.34
N ILE A 7 5.07 -16.98 -23.88
CA ILE A 7 5.08 -15.67 -23.23
C ILE A 7 4.26 -15.68 -21.94
N THR A 8 4.59 -14.77 -21.03
CA THR A 8 3.92 -14.67 -19.72
C THR A 8 3.22 -13.30 -19.55
N TYR A 9 2.94 -12.61 -20.67
CA TYR A 9 2.32 -11.28 -20.65
C TYR A 9 3.23 -10.28 -19.92
N PRO A 10 3.12 -8.95 -20.20
CA PRO A 10 4.00 -7.93 -19.56
C PRO A 10 3.90 -7.94 -18.03
N ALA A 11 2.70 -7.66 -17.51
CA ALA A 11 2.46 -7.64 -16.06
C ALA A 11 3.54 -6.85 -15.33
N ILE A 12 3.30 -5.54 -15.16
CA ILE A 12 4.28 -4.67 -14.52
C ILE A 12 3.95 -4.49 -13.04
N ASP A 13 4.69 -3.63 -12.35
CA ASP A 13 4.52 -3.39 -10.93
C ASP A 13 3.60 -2.18 -10.69
N ARG A 14 2.37 -2.31 -11.17
CA ARG A 14 1.39 -1.22 -11.05
C ARG A 14 1.11 -0.92 -9.59
N GLY A 15 0.96 -1.98 -8.81
CA GLY A 15 0.66 -1.84 -7.40
C GLY A 15 -0.10 -3.07 -6.90
N ASP A 16 -0.58 -3.00 -5.65
CA ASP A 16 -1.34 -4.11 -5.07
C ASP A 16 -2.87 -3.80 -5.16
N HIS A 17 -3.46 -3.20 -4.08
CA HIS A 17 -4.87 -2.82 -4.07
C HIS A 17 -5.24 -2.09 -2.74
N ALA A 18 -5.81 -2.81 -1.76
CA ALA A 18 -6.18 -2.22 -0.47
C ALA A 18 -6.46 -3.31 0.56
N VAL A 19 -6.18 -3.02 1.84
CA VAL A 19 -6.41 -4.00 2.91
C VAL A 19 -7.11 -3.36 4.11
N HIS A 20 -7.74 -4.21 4.93
CA HIS A 20 -8.43 -3.75 6.14
C HIS A 20 -8.02 -4.62 7.32
N CYS A 21 -8.05 -4.02 8.52
CA CYS A 21 -7.65 -4.73 9.74
C CYS A 21 -8.72 -5.74 10.12
N ASP A 22 -8.27 -6.95 10.49
CA ASP A 22 -9.18 -8.00 10.91
C ASP A 22 -9.80 -7.65 12.25
N LYS A 23 -11.12 -7.79 12.36
CA LYS A 23 -11.80 -7.48 13.62
C LYS A 23 -11.44 -8.52 14.71
N ALA A 24 -10.97 -9.70 14.28
CA ALA A 24 -10.55 -10.76 15.20
C ALA A 24 -9.02 -10.75 15.36
N HIS A 25 -8.32 -10.27 14.31
CA HIS A 25 -6.88 -10.17 14.33
C HIS A 25 -6.43 -8.73 13.91
N PRO A 26 -6.94 -7.67 14.59
CA PRO A 26 -6.53 -6.26 14.28
C PRO A 26 -5.09 -5.99 14.71
N ASN A 27 -4.61 -6.78 15.68
CA ASN A 27 -3.25 -6.66 16.19
C ASN A 27 -2.23 -6.93 15.10
N THR A 28 -2.55 -7.88 14.20
CA THR A 28 -1.64 -8.25 13.12
C THR A 28 -1.84 -7.38 11.87
N CYS A 29 -2.79 -6.44 11.93
CA CYS A 29 -3.09 -5.56 10.80
C CYS A 29 -1.86 -4.73 10.44
N LYS A 30 -1.54 -4.72 9.13
CA LYS A 30 -0.39 -3.98 8.62
C LYS A 30 -0.73 -2.52 8.35
N LYS A 31 0.28 -1.65 8.50
CA LYS A 31 0.12 -0.21 8.26
C LYS A 31 1.20 0.30 7.34
N LYS A 32 0.91 1.40 6.63
CA LYS A 32 1.84 1.97 5.66
C LYS A 32 2.01 3.47 5.88
N GLN A 33 3.19 3.99 5.52
CA GLN A 33 3.48 5.41 5.69
C GLN A 33 4.51 5.91 4.66
N ALA A 34 4.57 7.24 4.49
CA ALA A 34 5.51 7.85 3.55
C ALA A 34 5.92 9.25 4.03
N ASN A 35 7.09 9.71 3.58
CA ASN A 35 7.60 11.03 3.98
C ASN A 35 6.77 12.16 3.35
N PRO A 36 6.70 13.35 4.00
CA PRO A 36 5.89 14.50 3.47
C PRO A 36 6.61 15.28 2.38
N TYR A 37 7.94 15.15 2.35
CA TYR A 37 8.77 15.86 1.37
C TYR A 37 8.44 15.37 -0.05
N ARG A 38 8.17 16.32 -0.96
CA ARG A 38 7.85 16.01 -2.35
C ARG A 38 8.30 17.12 -3.27
N ARG A 39 8.82 16.74 -4.43
CA ARG A 39 9.30 17.71 -5.42
C ARG A 39 8.86 17.35 -6.85
N GLY A 40 8.63 16.06 -7.10
CA GLY A 40 8.23 15.61 -8.42
C GLY A 40 6.86 16.19 -8.80
N CYS A 41 6.65 16.37 -10.11
CA CYS A 41 5.40 16.95 -10.62
C CYS A 41 4.22 15.99 -10.42
N GLY A 42 3.02 16.55 -10.36
CA GLY A 42 1.79 15.76 -10.16
C GLY A 42 0.79 15.97 -11.31
N VAL A 43 1.25 16.53 -12.43
CA VAL A 43 0.38 16.80 -13.59
C VAL A 43 -0.24 15.50 -14.14
N LEU A 44 0.54 14.41 -14.07
CA LEU A 44 0.11 13.08 -14.57
C LEU A 44 -0.04 13.03 -16.11
N GLU A 45 0.10 14.19 -16.80
CA GLU A 45 0.02 14.24 -18.26
C GLU A 45 1.17 13.46 -18.89
N GLY A 46 2.33 13.52 -18.25
CA GLY A 46 3.54 12.85 -18.72
C GLY A 46 4.79 13.56 -18.20
N CYS A 47 4.67 14.86 -17.87
CA CYS A 47 5.77 15.64 -17.34
C CYS A 47 6.96 15.66 -18.32
N HIS A 48 6.76 16.38 -19.43
CA HIS A 48 7.81 16.49 -20.45
C HIS A 48 7.62 17.78 -21.27
N ARG A 49 8.74 18.44 -21.58
CA ARG A 49 8.72 19.69 -22.36
C ARG A 49 8.32 19.39 -23.81
N GLU A 50 7.40 20.20 -24.35
CA GLU A 50 6.92 20.02 -25.72
C GLU A 50 7.04 21.30 -26.52
N THR A 51 7.15 21.16 -27.84
CA THR A 51 7.28 22.32 -28.72
C THR A 51 6.81 21.99 -30.15
N GLY A 52 6.98 20.73 -30.57
CA GLY A 52 6.56 20.29 -31.91
C GLY A 52 7.70 20.45 -32.93
N PRO A 53 8.87 19.83 -32.69
CA PRO A 53 10.04 19.94 -33.63
C PRO A 53 9.76 19.19 -34.94
N LYS A 54 10.30 19.72 -36.04
CA LYS A 54 10.12 19.12 -37.35
C LYS A 54 11.34 19.37 -38.28
N PRO A 55 12.43 18.57 -38.15
CA PRO A 55 13.64 18.74 -39.02
C PRO A 55 13.33 18.45 -40.49
N THR A 56 12.35 17.57 -40.72
CA THR A 56 11.91 17.19 -42.06
C THR A 56 13.10 17.01 -43.03
N GLU A 1 9.90 25.77 -30.47
CA GLU A 1 11.14 26.46 -29.98
C GLU A 1 11.98 25.49 -29.15
N ALA A 2 11.30 24.61 -28.39
CA ALA A 2 11.98 23.62 -27.56
C ALA A 2 11.16 22.35 -27.45
N SER A 3 11.84 21.21 -27.25
CA SER A 3 11.18 19.92 -27.14
C SER A 3 11.47 19.28 -25.78
N VAL A 4 10.52 18.46 -25.30
CA VAL A 4 10.66 17.80 -24.00
C VAL A 4 10.29 16.31 -24.11
N ARG A 5 11.09 15.46 -23.45
CA ARG A 5 10.86 14.02 -23.44
C ARG A 5 9.60 13.70 -22.63
N TYR A 6 8.74 12.83 -23.19
CA TYR A 6 7.50 12.46 -22.51
C TYR A 6 7.22 10.99 -22.73
N ILE A 7 7.52 10.19 -21.71
CA ILE A 7 7.33 8.74 -21.78
C ILE A 7 6.42 8.27 -20.64
N THR A 8 5.40 7.50 -20.99
CA THR A 8 4.47 6.94 -20.00
C THR A 8 4.83 5.48 -19.74
N TYR A 9 5.03 5.15 -18.46
CA TYR A 9 5.43 3.80 -18.07
C TYR A 9 4.28 2.76 -18.24
N PRO A 10 4.60 1.47 -18.48
CA PRO A 10 3.57 0.39 -18.62
C PRO A 10 3.05 -0.12 -17.27
N ALA A 11 1.93 -0.85 -17.30
CA ALA A 11 1.34 -1.44 -16.10
C ALA A 11 0.86 -2.86 -16.40
N ILE A 12 1.00 -3.75 -15.41
CA ILE A 12 0.60 -5.18 -15.56
C ILE A 12 -0.81 -5.41 -14.94
N ASP A 13 -1.13 -6.67 -14.59
CA ASP A 13 -2.44 -7.02 -14.02
C ASP A 13 -2.42 -7.02 -12.48
N ARG A 14 -1.32 -6.51 -11.90
CA ARG A 14 -1.17 -6.47 -10.45
C ARG A 14 -2.27 -5.65 -9.80
N GLY A 15 -2.77 -6.12 -8.66
CA GLY A 15 -3.82 -5.43 -7.91
C GLY A 15 -3.48 -5.36 -6.43
N ASP A 16 -3.94 -4.29 -5.78
CA ASP A 16 -3.67 -4.10 -4.36
C ASP A 16 -4.87 -4.53 -3.51
N HIS A 17 -4.64 -5.50 -2.62
CA HIS A 17 -5.70 -5.99 -1.72
C HIS A 17 -6.05 -4.91 -0.70
N ALA A 18 -7.33 -4.85 -0.32
CA ALA A 18 -7.80 -3.85 0.65
C ALA A 18 -6.99 -3.95 1.94
N VAL A 19 -6.68 -2.78 2.51
CA VAL A 19 -5.85 -2.71 3.74
C VAL A 19 -6.69 -2.77 5.03
N HIS A 20 -7.96 -3.18 4.90
CA HIS A 20 -8.86 -3.26 6.05
C HIS A 20 -8.30 -4.25 7.10
N CYS A 21 -8.39 -3.86 8.39
CA CYS A 21 -7.84 -4.69 9.48
C CYS A 21 -8.88 -5.69 9.97
N ASP A 22 -8.41 -6.88 10.40
CA ASP A 22 -9.28 -7.94 10.89
C ASP A 22 -9.83 -7.58 12.25
N LYS A 23 -11.14 -7.74 12.45
CA LYS A 23 -11.76 -7.47 13.75
C LYS A 23 -11.35 -8.53 14.79
N ALA A 24 -10.96 -9.72 14.30
CA ALA A 24 -10.52 -10.81 15.16
C ALA A 24 -8.99 -10.81 15.30
N HIS A 25 -8.31 -10.30 14.27
CA HIS A 25 -6.87 -10.19 14.27
C HIS A 25 -6.43 -8.76 13.85
N PRO A 26 -6.92 -7.71 14.53
CA PRO A 26 -6.53 -6.30 14.22
C PRO A 26 -5.11 -5.98 14.73
N ASN A 27 -4.64 -6.80 15.70
CA ASN A 27 -3.33 -6.60 16.30
C ASN A 27 -2.18 -7.02 15.36
N THR A 28 -2.51 -7.78 14.29
CA THR A 28 -1.49 -8.18 13.30
C THR A 28 -1.68 -7.44 11.97
N CYS A 29 -2.64 -6.49 11.93
CA CYS A 29 -2.92 -5.69 10.75
C CYS A 29 -1.68 -4.87 10.39
N LYS A 30 -1.35 -4.82 9.10
CA LYS A 30 -0.17 -4.14 8.64
C LYS A 30 -0.48 -2.71 8.31
N LYS A 31 0.32 -1.83 8.87
CA LYS A 31 0.17 -0.41 8.65
C LYS A 31 -1.23 0.07 9.00
N LYS A 32 -1.41 1.39 8.96
CA LYS A 32 -2.71 2.00 9.29
C LYS A 32 -3.03 3.12 8.33
N GLN A 33 -2.05 3.98 8.14
CA GLN A 33 -2.16 5.12 7.23
C GLN A 33 -2.09 4.67 5.78
N ALA A 34 -2.48 5.57 4.87
CA ALA A 34 -2.42 5.31 3.43
C ALA A 34 -2.18 6.60 2.68
N ASN A 35 -1.39 6.52 1.60
CA ASN A 35 -1.07 7.69 0.78
C ASN A 35 -2.28 8.08 -0.09
N PRO A 36 -2.45 9.39 -0.41
CA PRO A 36 -3.57 9.86 -1.26
C PRO A 36 -3.32 9.63 -2.76
N TYR A 37 -2.03 9.49 -3.11
CA TYR A 37 -1.62 9.29 -4.49
C TYR A 37 -2.09 7.94 -5.02
N ARG A 38 -2.75 7.97 -6.19
CA ARG A 38 -3.22 6.77 -6.86
C ARG A 38 -3.50 7.06 -8.32
N ARG A 39 -3.28 6.06 -9.16
CA ARG A 39 -3.51 6.20 -10.59
C ARG A 39 -4.31 5.00 -11.08
N GLY A 40 -5.33 5.29 -11.89
CA GLY A 40 -6.22 4.25 -12.39
C GLY A 40 -5.60 3.46 -13.53
N CYS A 41 -6.32 2.43 -13.95
CA CYS A 41 -5.89 1.55 -15.02
C CYS A 41 -6.07 2.22 -16.39
N GLY A 42 -4.96 2.34 -17.12
CA GLY A 42 -4.96 2.94 -18.46
C GLY A 42 -4.12 2.10 -19.42
N VAL A 43 -4.27 0.78 -19.31
CA VAL A 43 -3.51 -0.16 -20.14
C VAL A 43 -3.84 0.06 -21.62
N LEU A 44 -5.14 0.27 -21.91
CA LEU A 44 -5.68 0.44 -23.28
C LEU A 44 -5.80 -0.91 -24.04
N GLU A 45 -5.17 -1.97 -23.49
CA GLU A 45 -5.23 -3.32 -24.08
C GLU A 45 -6.65 -3.89 -24.03
N GLY A 46 -7.34 -3.58 -22.94
CA GLY A 46 -8.71 -4.04 -22.72
C GLY A 46 -9.03 -4.10 -21.23
N CYS A 47 -8.52 -3.12 -20.51
CA CYS A 47 -8.71 -3.01 -19.08
C CYS A 47 -10.18 -2.82 -18.73
N HIS A 48 -10.86 -1.98 -19.51
CA HIS A 48 -12.26 -1.67 -19.28
C HIS A 48 -13.11 -2.96 -19.36
N ARG A 49 -12.80 -3.82 -20.34
CA ARG A 49 -13.53 -5.09 -20.52
C ARG A 49 -15.00 -4.84 -20.88
N GLU A 50 -15.24 -4.59 -22.17
CA GLU A 50 -16.61 -4.33 -22.66
C GLU A 50 -17.25 -5.64 -23.07
N THR A 51 -16.55 -6.38 -23.94
CA THR A 51 -17.04 -7.62 -24.48
C THR A 51 -18.44 -7.46 -25.03
N GLY A 52 -18.53 -7.16 -26.33
CA GLY A 52 -19.81 -6.95 -26.99
C GLY A 52 -19.95 -7.91 -28.19
N PRO A 53 -21.14 -8.51 -28.42
CA PRO A 53 -21.35 -9.44 -29.56
C PRO A 53 -21.39 -8.70 -30.90
N LYS A 54 -21.09 -9.43 -31.98
CA LYS A 54 -21.10 -8.84 -33.33
C LYS A 54 -21.93 -9.73 -34.31
N PRO A 55 -23.29 -9.77 -34.16
CA PRO A 55 -24.17 -10.58 -35.07
C PRO A 55 -24.22 -10.01 -36.49
N THR A 56 -23.86 -8.72 -36.63
CA THR A 56 -23.88 -8.04 -37.92
C THR A 56 -23.21 -8.88 -39.02
N GLU A 1 -25.70 25.37 -8.95
CA GLU A 1 -24.60 25.38 -9.96
C GLU A 1 -25.13 25.86 -11.32
N ALA A 2 -25.29 27.19 -11.43
CA ALA A 2 -25.79 27.81 -12.67
C ALA A 2 -24.78 27.69 -13.83
N SER A 3 -23.51 27.41 -13.49
CA SER A 3 -22.44 27.30 -14.49
C SER A 3 -22.75 26.21 -15.51
N VAL A 4 -23.30 25.07 -15.04
CA VAL A 4 -23.64 23.93 -15.92
C VAL A 4 -22.53 23.65 -16.94
N ARG A 5 -21.34 23.32 -16.43
CA ARG A 5 -20.19 23.04 -17.28
C ARG A 5 -20.48 21.84 -18.19
N TYR A 6 -20.21 22.01 -19.49
CA TYR A 6 -20.41 20.97 -20.48
C TYR A 6 -19.34 19.89 -20.35
N ILE A 7 -18.15 20.30 -19.90
CA ILE A 7 -17.03 19.39 -19.78
C ILE A 7 -17.22 18.46 -18.58
N THR A 8 -17.39 17.16 -18.87
CA THR A 8 -17.55 16.15 -17.82
C THR A 8 -16.64 14.96 -18.11
N TYR A 9 -15.88 14.53 -17.08
CA TYR A 9 -14.97 13.39 -17.23
C TYR A 9 -15.64 12.06 -16.77
N PRO A 10 -15.28 10.90 -17.38
CA PRO A 10 -15.86 9.58 -17.00
C PRO A 10 -15.29 9.05 -15.69
N ALA A 11 -16.02 8.12 -15.06
CA ALA A 11 -15.58 7.49 -13.82
C ALA A 11 -15.13 6.07 -14.08
N ILE A 12 -13.99 5.71 -13.50
CA ILE A 12 -13.42 4.38 -13.67
C ILE A 12 -13.29 3.71 -12.32
N ASP A 13 -13.59 2.41 -12.26
CA ASP A 13 -13.52 1.65 -11.00
C ASP A 13 -12.08 1.61 -10.48
N ARG A 14 -11.66 2.72 -9.89
CA ARG A 14 -10.30 2.89 -9.39
C ARG A 14 -10.00 1.88 -8.31
N GLY A 15 -10.95 1.68 -7.41
CA GLY A 15 -10.81 0.74 -6.31
C GLY A 15 -9.95 1.32 -5.19
N ASP A 16 -9.89 0.59 -4.08
CA ASP A 16 -9.10 1.02 -2.92
C ASP A 16 -7.86 0.14 -2.76
N HIS A 17 -6.69 0.70 -3.06
CA HIS A 17 -5.43 -0.04 -2.95
C HIS A 17 -4.97 -0.09 -1.49
N ALA A 18 -5.75 -0.80 -0.66
CA ALA A 18 -5.43 -0.95 0.77
C ALA A 18 -6.13 -2.17 1.35
N VAL A 19 -5.58 -2.69 2.46
CA VAL A 19 -6.15 -3.86 3.14
C VAL A 19 -6.60 -3.48 4.56
N HIS A 20 -7.88 -3.77 4.87
CA HIS A 20 -8.44 -3.44 6.18
C HIS A 20 -7.86 -4.34 7.29
N CYS A 21 -8.15 -3.98 8.54
CA CYS A 21 -7.67 -4.72 9.69
C CYS A 21 -8.71 -5.75 10.14
N ASP A 22 -8.25 -6.97 10.46
CA ASP A 22 -9.15 -8.02 10.90
C ASP A 22 -9.76 -7.66 12.25
N LYS A 23 -11.08 -7.80 12.35
CA LYS A 23 -11.78 -7.49 13.61
C LYS A 23 -11.39 -8.50 14.70
N ALA A 24 -10.94 -9.68 14.28
CA ALA A 24 -10.51 -10.73 15.21
C ALA A 24 -8.98 -10.73 15.36
N HIS A 25 -8.29 -10.26 14.32
CA HIS A 25 -6.84 -10.15 14.34
C HIS A 25 -6.41 -8.71 13.91
N PRO A 26 -6.93 -7.66 14.59
CA PRO A 26 -6.54 -6.25 14.27
C PRO A 26 -5.10 -5.95 14.67
N ASN A 27 -4.60 -6.70 15.65
CA ASN A 27 -3.23 -6.58 16.11
C ASN A 27 -2.25 -6.93 14.99
N THR A 28 -2.62 -7.94 14.19
CA THR A 28 -1.82 -8.39 13.08
C THR A 28 -1.77 -7.31 12.01
N CYS A 29 -2.91 -6.64 11.81
CA CYS A 29 -3.05 -5.64 10.79
C CYS A 29 -1.91 -4.62 10.84
N LYS A 30 -1.45 -4.24 9.65
CA LYS A 30 -0.32 -3.33 9.50
C LYS A 30 -0.63 -1.94 10.04
N LYS A 31 0.40 -1.27 10.56
CA LYS A 31 0.27 0.07 11.10
C LYS A 31 1.34 0.98 10.52
N LYS A 32 1.07 2.29 10.51
CA LYS A 32 1.99 3.25 9.90
C LYS A 32 2.29 4.41 10.84
N GLN A 33 3.50 4.97 10.71
CA GLN A 33 3.92 6.10 11.55
C GLN A 33 4.97 6.94 10.83
N ALA A 34 5.90 6.26 10.15
CA ALA A 34 6.99 6.93 9.41
C ALA A 34 7.90 7.70 10.34
N ASN A 35 9.00 8.22 9.79
CA ASN A 35 9.98 8.97 10.57
C ASN A 35 9.41 10.35 10.98
N PRO A 36 9.90 10.96 12.08
CA PRO A 36 9.41 12.27 12.55
C PRO A 36 10.20 13.42 11.91
N TYR A 37 11.49 13.53 12.29
CA TYR A 37 12.41 14.53 11.72
C TYR A 37 11.71 15.86 11.39
N ARG A 38 11.75 16.81 12.33
CA ARG A 38 11.12 18.12 12.15
C ARG A 38 9.61 17.97 12.02
N ARG A 39 8.91 19.08 12.20
CA ARG A 39 7.44 19.10 12.13
C ARG A 39 6.98 20.19 11.16
N GLY A 40 7.65 21.34 11.20
CA GLY A 40 7.33 22.46 10.31
C GLY A 40 8.59 23.02 9.66
N CYS A 41 8.42 23.69 8.52
CA CYS A 41 9.57 24.26 7.80
C CYS A 41 10.19 25.42 8.57
N GLY A 42 11.49 25.57 8.38
CA GLY A 42 12.26 26.65 9.01
C GLY A 42 13.56 26.93 8.24
N VAL A 43 13.60 26.47 6.99
CA VAL A 43 14.77 26.65 6.13
C VAL A 43 14.94 28.15 5.81
N LEU A 44 13.79 28.84 5.61
CA LEU A 44 13.77 30.26 5.22
C LEU A 44 14.31 30.47 3.79
N GLU A 45 14.23 29.40 2.99
CA GLU A 45 14.66 29.44 1.59
C GLU A 45 13.48 29.54 0.63
N GLY A 46 12.38 28.88 1.01
CA GLY A 46 11.19 28.86 0.18
C GLY A 46 10.08 28.03 0.81
N CYS A 47 9.41 28.62 1.80
CA CYS A 47 8.30 27.97 2.49
C CYS A 47 7.14 28.95 2.67
N HIS A 48 5.96 28.59 2.13
CA HIS A 48 4.79 29.48 2.19
C HIS A 48 3.55 28.72 2.62
N ARG A 49 2.64 29.43 3.31
CA ARG A 49 1.39 28.85 3.79
C ARG A 49 0.20 29.55 3.13
N GLU A 50 -0.66 28.77 2.47
CA GLU A 50 -1.85 29.31 1.81
C GLU A 50 -2.88 28.23 1.55
N THR A 51 -4.11 28.67 1.26
CA THR A 51 -5.21 27.76 0.97
C THR A 51 -4.98 27.02 -0.36
N GLY A 52 -4.37 27.71 -1.32
CA GLY A 52 -4.08 27.13 -2.63
C GLY A 52 -3.61 28.22 -3.62
N PRO A 53 -3.25 27.86 -4.87
CA PRO A 53 -2.79 28.85 -5.89
C PRO A 53 -3.94 29.73 -6.41
N LYS A 54 -3.62 30.97 -6.77
CA LYS A 54 -4.61 31.91 -7.30
C LYS A 54 -4.05 32.68 -8.52
N PRO A 55 -4.05 32.06 -9.74
CA PRO A 55 -3.51 32.73 -10.98
C PRO A 55 -4.37 33.92 -11.40
N THR A 56 -5.65 33.90 -11.00
CA THR A 56 -6.59 34.96 -11.34
C THR A 56 -6.04 36.33 -10.94
N GLU A 1 -23.62 -19.06 -31.57
CA GLU A 1 -23.20 -18.76 -30.17
C GLU A 1 -23.69 -17.35 -29.78
N ALA A 2 -24.91 -17.01 -30.23
CA ALA A 2 -25.51 -15.71 -29.93
C ALA A 2 -25.79 -15.57 -28.43
N SER A 3 -25.57 -14.36 -27.90
CA SER A 3 -25.82 -14.08 -26.47
C SER A 3 -24.97 -15.00 -25.56
N VAL A 4 -23.65 -14.85 -25.66
CA VAL A 4 -22.72 -15.65 -24.84
C VAL A 4 -21.64 -14.75 -24.23
N ARG A 5 -21.03 -15.22 -23.13
CA ARG A 5 -19.97 -14.49 -22.46
C ARG A 5 -18.60 -15.01 -22.90
N TYR A 6 -17.80 -14.12 -23.51
CA TYR A 6 -16.46 -14.49 -24.00
C TYR A 6 -15.39 -13.70 -23.26
N ILE A 7 -15.69 -12.42 -22.96
CA ILE A 7 -14.75 -11.55 -22.25
C ILE A 7 -15.15 -11.42 -20.79
N THR A 8 -14.24 -11.81 -19.89
CA THR A 8 -14.50 -11.74 -18.44
C THR A 8 -13.70 -10.59 -17.82
N TYR A 9 -14.39 -9.49 -17.53
CA TYR A 9 -13.77 -8.33 -16.89
C TYR A 9 -14.85 -7.28 -16.48
N PRO A 10 -14.78 -6.68 -15.27
CA PRO A 10 -15.77 -5.65 -14.83
C PRO A 10 -15.58 -4.31 -15.53
N ALA A 11 -16.68 -3.56 -15.70
CA ALA A 11 -16.62 -2.24 -16.34
C ALA A 11 -15.75 -1.29 -15.52
N ILE A 12 -15.87 -1.38 -14.20
CA ILE A 12 -15.12 -0.54 -13.28
C ILE A 12 -14.41 -1.45 -12.27
N ASP A 13 -13.40 -0.92 -11.58
CA ASP A 13 -12.64 -1.72 -10.60
C ASP A 13 -13.57 -2.26 -9.49
N ARG A 14 -14.75 -1.63 -9.31
CA ARG A 14 -15.74 -2.07 -8.30
C ARG A 14 -15.05 -2.43 -6.95
N GLY A 15 -15.81 -3.09 -6.05
CA GLY A 15 -15.30 -3.46 -4.74
C GLY A 15 -15.34 -2.29 -3.78
N ASP A 16 -14.81 -2.49 -2.57
CA ASP A 16 -14.78 -1.45 -1.55
C ASP A 16 -13.41 -0.79 -1.50
N HIS A 17 -13.39 0.52 -1.74
CA HIS A 17 -12.13 1.28 -1.73
C HIS A 17 -11.53 1.31 -0.32
N ALA A 18 -12.40 1.46 0.69
CA ALA A 18 -11.96 1.51 2.08
C ALA A 18 -11.45 0.13 2.53
N VAL A 19 -10.41 0.14 3.38
CA VAL A 19 -9.82 -1.10 3.90
C VAL A 19 -9.52 -0.95 5.40
N HIS A 20 -9.82 -2.02 6.16
CA HIS A 20 -9.60 -2.01 7.61
C HIS A 20 -8.93 -3.31 8.09
N CYS A 21 -8.37 -3.25 9.30
CA CYS A 21 -7.70 -4.40 9.90
C CYS A 21 -8.73 -5.46 10.33
N ASP A 22 -8.25 -6.71 10.50
CA ASP A 22 -9.13 -7.82 10.87
C ASP A 22 -9.78 -7.57 12.22
N LYS A 23 -11.08 -7.87 12.32
CA LYS A 23 -11.81 -7.74 13.60
C LYS A 23 -11.34 -8.80 14.61
N ALA A 24 -10.79 -9.90 14.09
CA ALA A 24 -10.27 -10.99 14.93
C ALA A 24 -8.76 -10.86 15.12
N HIS A 25 -8.09 -10.26 14.12
CA HIS A 25 -6.66 -10.02 14.17
C HIS A 25 -6.36 -8.53 13.85
N PRO A 26 -6.97 -7.58 14.57
CA PRO A 26 -6.74 -6.11 14.34
C PRO A 26 -5.37 -5.65 14.81
N ASN A 27 -4.78 -6.42 15.74
CA ASN A 27 -3.47 -6.08 16.31
C ASN A 27 -2.30 -6.60 15.46
N THR A 28 -2.59 -7.45 14.45
CA THR A 28 -1.53 -7.99 13.59
C THR A 28 -1.86 -7.88 12.09
N CYS A 29 -2.81 -6.98 11.74
CA CYS A 29 -3.15 -6.78 10.32
C CYS A 29 -1.93 -6.25 9.57
N LYS A 30 -1.86 -6.54 8.26
CA LYS A 30 -0.69 -6.15 7.45
C LYS A 30 -1.06 -5.21 6.31
N LYS A 31 -2.11 -5.56 5.58
CA LYS A 31 -2.56 -4.74 4.43
C LYS A 31 -1.48 -4.65 3.38
N LYS A 32 -1.80 -3.97 2.26
CA LYS A 32 -0.83 -3.83 1.16
C LYS A 32 -0.86 -2.42 0.58
N GLN A 33 0.29 -1.97 0.07
CA GLN A 33 0.40 -0.65 -0.53
C GLN A 33 1.60 -0.55 -1.47
N ALA A 34 1.65 0.52 -2.26
CA ALA A 34 2.77 0.76 -3.19
C ALA A 34 2.91 -0.38 -4.20
N ASN A 35 3.70 -0.13 -5.24
CA ASN A 35 3.94 -1.13 -6.29
C ASN A 35 4.83 -2.26 -5.76
N PRO A 36 4.73 -3.48 -6.33
CA PRO A 36 5.54 -4.65 -5.86
C PRO A 36 7.01 -4.53 -6.28
N TYR A 37 7.22 -3.83 -7.39
CA TYR A 37 8.54 -3.62 -7.94
C TYR A 37 9.31 -2.55 -7.13
N ARG A 38 10.58 -2.83 -6.83
CA ARG A 38 11.41 -1.92 -6.05
C ARG A 38 12.77 -1.74 -6.72
N ARG A 39 13.28 -0.52 -6.66
CA ARG A 39 14.57 -0.18 -7.24
C ARG A 39 15.33 0.76 -6.32
N GLY A 40 16.62 0.46 -6.11
CA GLY A 40 17.47 1.29 -5.28
C GLY A 40 18.45 2.08 -6.14
N CYS A 41 18.69 3.33 -5.77
CA CYS A 41 19.61 4.19 -6.52
C CYS A 41 21.03 4.03 -5.99
N GLY A 42 21.92 3.49 -6.84
CA GLY A 42 23.31 3.26 -6.45
C GLY A 42 24.31 3.70 -7.52
N VAL A 43 23.87 4.57 -8.44
CA VAL A 43 24.74 5.07 -9.51
C VAL A 43 25.90 5.90 -8.94
N LEU A 44 25.60 6.64 -7.84
CA LEU A 44 26.59 7.48 -7.16
C LEU A 44 27.11 8.63 -8.07
N GLU A 45 26.58 8.73 -9.30
CA GLU A 45 26.99 9.80 -10.23
C GLU A 45 26.51 11.16 -9.75
N GLY A 46 25.31 11.17 -9.16
CA GLY A 46 24.69 12.39 -8.66
C GLY A 46 23.22 12.15 -8.45
N CYS A 47 22.92 11.06 -7.76
CA CYS A 47 21.56 10.64 -7.49
C CYS A 47 20.82 11.69 -6.69
N HIS A 48 21.48 12.22 -5.65
CA HIS A 48 20.90 13.25 -4.80
C HIS A 48 22.01 14.00 -4.04
N ARG A 49 23.11 14.28 -4.75
CA ARG A 49 24.29 14.99 -4.18
C ARG A 49 25.11 14.06 -3.29
N GLU A 50 24.43 13.36 -2.37
CA GLU A 50 25.08 12.39 -1.44
C GLU A 50 25.71 13.13 -0.24
N THR A 51 26.97 13.57 -0.38
CA THR A 51 27.66 14.30 0.70
C THR A 51 28.88 15.03 0.15
N GLY A 52 29.71 14.31 -0.59
CA GLY A 52 30.92 14.86 -1.18
C GLY A 52 31.58 13.83 -2.13
N PRO A 53 32.62 14.23 -2.91
CA PRO A 53 33.31 13.29 -3.85
C PRO A 53 34.14 12.23 -3.14
N LYS A 54 34.23 11.05 -3.75
CA LYS A 54 35.01 9.93 -3.19
C LYS A 54 35.78 9.16 -4.29
N PRO A 55 36.96 9.64 -4.72
CA PRO A 55 37.78 8.93 -5.76
C PRO A 55 38.30 7.57 -5.25
N THR A 56 38.26 7.39 -3.91
CA THR A 56 38.74 6.16 -3.29
C THR A 56 37.96 4.95 -3.80
N GLU A 1 11.82 10.00 19.86
CA GLU A 1 10.45 10.50 19.55
C GLU A 1 9.57 9.35 19.03
N ALA A 2 9.60 8.24 19.79
CA ALA A 2 8.79 7.06 19.46
C ALA A 2 7.30 7.38 19.49
N SER A 3 6.90 8.23 20.44
CA SER A 3 5.49 8.60 20.62
C SER A 3 4.90 9.23 19.36
N VAL A 4 5.70 10.07 18.67
CA VAL A 4 5.22 10.74 17.45
C VAL A 4 5.95 10.21 16.19
N ARG A 5 5.15 9.79 15.20
CA ARG A 5 5.66 9.24 13.94
C ARG A 5 6.28 10.33 13.06
N TYR A 6 7.09 9.90 12.08
CA TYR A 6 7.73 10.81 11.14
C TYR A 6 8.04 10.05 9.86
N ILE A 7 7.22 10.26 8.83
CA ILE A 7 7.37 9.54 7.57
C ILE A 7 7.14 10.46 6.36
N THR A 8 7.45 9.95 5.16
CA THR A 8 7.28 10.72 3.93
C THR A 8 6.12 10.17 3.09
N TYR A 9 5.56 11.03 2.22
CA TYR A 9 4.44 10.66 1.37
C TYR A 9 4.88 9.62 0.31
N PRO A 10 3.94 8.85 -0.29
CA PRO A 10 4.32 7.84 -1.34
C PRO A 10 4.86 8.53 -2.58
N ALA A 11 6.08 8.14 -2.99
CA ALA A 11 6.73 8.71 -4.17
C ALA A 11 5.93 8.40 -5.43
N ILE A 12 5.41 7.19 -5.49
CA ILE A 12 4.62 6.72 -6.65
C ILE A 12 3.25 7.44 -6.72
N ASP A 13 2.94 8.32 -5.74
CA ASP A 13 1.66 9.00 -5.68
C ASP A 13 0.54 7.97 -5.53
N ARG A 14 0.76 7.07 -4.57
CA ARG A 14 -0.14 5.97 -4.29
C ARG A 14 -1.49 6.48 -3.77
N GLY A 15 -2.59 5.83 -4.19
CA GLY A 15 -3.93 6.22 -3.77
C GLY A 15 -4.96 5.20 -4.19
N ASP A 16 -6.16 5.30 -3.62
CA ASP A 16 -7.27 4.41 -3.95
C ASP A 16 -6.89 2.94 -3.69
N HIS A 17 -6.15 2.69 -2.59
CA HIS A 17 -5.78 1.32 -2.22
C HIS A 17 -6.56 0.86 -1.00
N ALA A 18 -7.38 -0.18 -1.19
CA ALA A 18 -8.20 -0.72 -0.11
C ALA A 18 -7.35 -1.45 0.91
N VAL A 19 -7.62 -1.21 2.19
CA VAL A 19 -6.92 -1.87 3.28
C VAL A 19 -7.83 -1.97 4.52
N HIS A 20 -7.97 -3.18 5.06
CA HIS A 20 -8.80 -3.40 6.26
C HIS A 20 -8.08 -4.26 7.28
N CYS A 21 -8.30 -3.94 8.56
CA CYS A 21 -7.73 -4.70 9.67
C CYS A 21 -8.75 -5.71 10.15
N ASP A 22 -8.29 -6.94 10.45
CA ASP A 22 -9.18 -8.00 10.88
C ASP A 22 -9.78 -7.65 12.24
N LYS A 23 -11.09 -7.77 12.35
CA LYS A 23 -11.77 -7.49 13.62
C LYS A 23 -11.38 -8.51 14.70
N ALA A 24 -10.95 -9.70 14.26
CA ALA A 24 -10.51 -10.76 15.17
C ALA A 24 -8.98 -10.76 15.32
N HIS A 25 -8.29 -10.27 14.26
CA HIS A 25 -6.84 -10.17 14.27
C HIS A 25 -6.42 -8.73 13.88
N PRO A 26 -6.93 -7.69 14.58
CA PRO A 26 -6.54 -6.27 14.29
C PRO A 26 -5.13 -5.95 14.76
N ASN A 27 -4.63 -6.75 15.71
CA ASN A 27 -3.28 -6.55 16.26
C ASN A 27 -2.18 -7.03 15.29
N THR A 28 -2.59 -7.79 14.25
CA THR A 28 -1.66 -8.27 13.21
C THR A 28 -1.88 -7.51 11.89
N CYS A 29 -2.70 -6.45 11.92
CA CYS A 29 -3.00 -5.64 10.74
C CYS A 29 -1.79 -4.83 10.33
N LYS A 30 -1.49 -4.88 9.03
CA LYS A 30 -0.30 -4.21 8.50
C LYS A 30 -0.63 -3.36 7.29
N LYS A 31 0.17 -2.31 7.07
CA LYS A 31 0.00 -1.41 5.92
C LYS A 31 0.73 -1.98 4.74
N LYS A 32 0.21 -1.68 3.55
CA LYS A 32 0.76 -2.28 2.32
C LYS A 32 0.94 -1.22 1.23
N GLN A 33 1.94 -1.43 0.38
CA GLN A 33 2.23 -0.52 -0.72
C GLN A 33 2.95 -1.25 -1.86
N ALA A 34 3.02 -0.61 -3.04
CA ALA A 34 3.70 -1.19 -4.20
C ALA A 34 5.18 -1.42 -3.90
N ASN A 35 5.70 -2.56 -4.34
CA ASN A 35 7.10 -2.91 -4.11
C ASN A 35 8.05 -2.06 -4.98
N PRO A 36 9.31 -1.85 -4.54
CA PRO A 36 10.30 -1.02 -5.32
C PRO A 36 10.84 -1.77 -6.53
N TYR A 37 10.80 -3.10 -6.45
CA TYR A 37 11.29 -3.95 -7.52
C TYR A 37 10.39 -3.81 -8.76
N ARG A 38 11.02 -3.58 -9.91
CA ARG A 38 10.31 -3.42 -11.17
C ARG A 38 11.25 -3.65 -12.35
N ARG A 39 10.69 -4.09 -13.46
CA ARG A 39 11.47 -4.32 -14.67
C ARG A 39 10.86 -3.53 -15.81
N GLY A 40 11.60 -2.52 -16.25
CA GLY A 40 11.15 -1.65 -17.33
C GLY A 40 12.25 -1.45 -18.36
N CYS A 41 12.00 -0.56 -19.32
CA CYS A 41 12.97 -0.27 -20.38
C CYS A 41 14.15 0.51 -19.80
N GLY A 42 15.32 0.37 -20.46
CA GLY A 42 16.54 1.08 -20.03
C GLY A 42 17.15 1.92 -21.17
N VAL A 43 16.45 2.01 -22.31
CA VAL A 43 16.92 2.79 -23.46
C VAL A 43 16.98 4.29 -23.14
N LEU A 44 16.08 4.73 -22.25
CA LEU A 44 16.02 6.14 -21.84
C LEU A 44 15.74 7.09 -23.03
N GLU A 45 15.41 6.52 -24.19
CA GLU A 45 15.10 7.29 -25.39
C GLU A 45 13.83 8.13 -25.19
N GLY A 46 12.87 7.54 -24.47
CA GLY A 46 11.60 8.18 -24.19
C GLY A 46 10.59 7.18 -23.60
N CYS A 47 10.68 5.92 -24.05
CA CYS A 47 9.81 4.85 -23.56
C CYS A 47 8.32 5.29 -23.55
N HIS A 48 7.99 6.30 -24.37
CA HIS A 48 6.61 6.80 -24.45
C HIS A 48 6.33 7.32 -25.86
N ARG A 49 5.33 6.74 -26.53
CA ARG A 49 4.98 7.15 -27.90
C ARG A 49 3.65 6.51 -28.37
N GLU A 50 2.84 6.00 -27.43
CA GLU A 50 1.56 5.38 -27.77
C GLU A 50 0.51 5.59 -26.67
N THR A 51 0.71 4.91 -25.52
CA THR A 51 -0.22 5.01 -24.39
C THR A 51 0.41 4.51 -23.10
N GLY A 52 -0.17 4.92 -21.97
CA GLY A 52 0.31 4.50 -20.65
C GLY A 52 -0.87 4.39 -19.67
N PRO A 53 -0.82 3.46 -18.68
CA PRO A 53 -1.93 3.30 -17.68
C PRO A 53 -1.99 4.46 -16.69
N LYS A 54 -3.22 4.80 -16.25
CA LYS A 54 -3.42 5.88 -15.28
C LYS A 54 -4.44 5.48 -14.18
N PRO A 55 -4.17 4.41 -13.39
CA PRO A 55 -5.09 3.97 -12.29
C PRO A 55 -5.18 5.01 -11.17
N THR A 56 -4.17 5.88 -11.08
CA THR A 56 -4.12 6.93 -10.05
C THR A 56 -5.40 7.77 -10.07
N GLU A 1 -7.84 31.10 5.75
CA GLU A 1 -8.32 30.33 4.58
C GLU A 1 -7.25 29.30 4.17
N ALA A 2 -6.71 28.61 5.18
CA ALA A 2 -5.68 27.59 4.96
C ALA A 2 -5.80 26.47 5.99
N SER A 3 -5.36 25.26 5.61
CA SER A 3 -5.43 24.10 6.49
C SER A 3 -4.45 24.24 7.65
N VAL A 4 -4.72 23.52 8.75
CA VAL A 4 -3.87 23.54 9.93
C VAL A 4 -2.50 22.92 9.59
N ARG A 5 -2.53 21.79 8.88
CA ARG A 5 -1.31 21.08 8.50
C ARG A 5 -0.60 21.77 7.34
N TYR A 6 0.73 21.69 7.34
CA TYR A 6 1.54 22.27 6.26
C TYR A 6 2.18 21.17 5.41
N ILE A 7 2.45 20.01 6.04
CA ILE A 7 3.05 18.87 5.35
C ILE A 7 2.14 17.64 5.48
N THR A 8 1.76 17.04 4.33
CA THR A 8 0.86 15.87 4.33
C THR A 8 1.59 14.59 3.86
N TYR A 9 2.87 14.48 4.25
CA TYR A 9 3.69 13.31 3.90
C TYR A 9 3.80 13.14 2.36
N PRO A 10 4.88 12.49 1.86
CA PRO A 10 5.07 12.27 0.39
C PRO A 10 4.12 11.20 -0.16
N ALA A 11 3.79 11.32 -1.45
CA ALA A 11 2.91 10.35 -2.12
C ALA A 11 3.23 10.25 -3.60
N ILE A 12 3.05 9.05 -4.16
CA ILE A 12 3.33 8.81 -5.58
C ILE A 12 2.04 8.88 -6.39
N ASP A 13 1.05 8.10 -5.96
CA ASP A 13 -0.26 8.06 -6.62
C ASP A 13 -1.39 7.91 -5.61
N ARG A 14 -1.37 6.79 -4.87
CA ARG A 14 -2.36 6.49 -3.84
C ARG A 14 -3.81 6.66 -4.35
N GLY A 15 -4.36 7.90 -4.28
CA GLY A 15 -5.73 8.17 -4.71
C GLY A 15 -6.70 8.01 -3.55
N ASP A 16 -7.99 8.12 -3.84
CA ASP A 16 -9.03 8.00 -2.82
C ASP A 16 -9.41 6.55 -2.60
N HIS A 17 -8.86 5.96 -1.54
CA HIS A 17 -9.12 4.56 -1.18
C HIS A 17 -8.84 4.32 0.30
N ALA A 18 -9.32 3.18 0.83
CA ALA A 18 -9.15 2.85 2.24
C ALA A 18 -9.13 1.34 2.45
N VAL A 19 -8.46 0.91 3.52
CA VAL A 19 -8.37 -0.50 3.89
C VAL A 19 -8.60 -0.65 5.40
N HIS A 20 -9.15 -1.81 5.81
CA HIS A 20 -9.45 -2.04 7.23
C HIS A 20 -8.71 -3.26 7.79
N CYS A 21 -8.46 -3.22 9.10
CA CYS A 21 -7.77 -4.30 9.80
C CYS A 21 -8.73 -5.42 10.16
N ASP A 22 -8.17 -6.60 10.48
CA ASP A 22 -8.97 -7.75 10.84
C ASP A 22 -9.64 -7.51 12.19
N LYS A 23 -10.90 -7.87 12.26
CA LYS A 23 -11.69 -7.73 13.49
C LYS A 23 -11.25 -8.76 14.55
N ALA A 24 -10.69 -9.88 14.08
CA ALA A 24 -10.18 -10.94 14.97
C ALA A 24 -8.67 -10.81 15.15
N HIS A 25 -8.01 -10.23 14.14
CA HIS A 25 -6.58 -10.00 14.18
C HIS A 25 -6.27 -8.52 13.84
N PRO A 26 -6.88 -7.54 14.57
CA PRO A 26 -6.63 -6.10 14.33
C PRO A 26 -5.23 -5.69 14.78
N ASN A 27 -4.73 -6.38 15.80
CA ASN A 27 -3.39 -6.13 16.33
C ASN A 27 -2.30 -6.61 15.36
N THR A 28 -2.62 -7.64 14.56
CA THR A 28 -1.67 -8.20 13.60
C THR A 28 -2.14 -8.03 12.15
N CYS A 29 -3.04 -7.06 11.93
CA CYS A 29 -3.58 -6.79 10.60
C CYS A 29 -2.50 -6.24 9.66
N LYS A 30 -2.77 -6.33 8.36
CA LYS A 30 -1.84 -5.81 7.34
C LYS A 30 -0.46 -6.44 7.49
N LYS A 31 -0.29 -7.60 6.90
CA LYS A 31 0.96 -8.36 6.99
C LYS A 31 1.56 -8.60 5.60
N LYS A 32 0.68 -8.97 4.66
CA LYS A 32 1.07 -9.19 3.25
C LYS A 32 1.99 -10.39 3.11
N GLN A 33 1.77 -11.39 3.94
CA GLN A 33 2.62 -12.57 3.91
C GLN A 33 1.82 -13.84 4.17
N ALA A 34 0.93 -13.79 5.17
CA ALA A 34 0.10 -14.93 5.54
C ALA A 34 0.94 -16.15 5.94
N ASN A 35 0.83 -16.54 7.22
CA ASN A 35 1.59 -17.67 7.73
C ASN A 35 1.10 -19.00 7.14
N PRO A 36 1.95 -20.05 7.11
CA PRO A 36 1.60 -21.37 6.51
C PRO A 36 0.83 -22.27 7.46
N TYR A 37 0.99 -22.04 8.77
CA TYR A 37 0.34 -22.87 9.79
C TYR A 37 -1.18 -22.80 9.64
N ARG A 38 -1.72 -21.57 9.56
CA ARG A 38 -3.16 -21.34 9.42
C ARG A 38 -3.94 -21.98 10.56
N ARG A 39 -5.12 -21.43 10.86
CA ARG A 39 -5.97 -21.96 11.92
C ARG A 39 -7.41 -21.46 11.80
N GLY A 40 -8.35 -22.39 11.89
CA GLY A 40 -9.78 -22.06 11.82
C GLY A 40 -10.32 -21.74 13.20
N CYS A 41 -11.60 -21.36 13.25
CA CYS A 41 -12.26 -21.03 14.52
C CYS A 41 -12.92 -22.28 15.12
N GLY A 42 -12.39 -22.72 16.26
CA GLY A 42 -12.93 -23.89 16.96
C GLY A 42 -12.93 -23.67 18.47
N VAL A 43 -13.25 -22.44 18.88
CA VAL A 43 -13.27 -22.07 20.30
C VAL A 43 -14.34 -22.89 21.03
N LEU A 44 -15.51 -23.06 20.38
CA LEU A 44 -16.69 -23.76 20.96
C LEU A 44 -17.47 -22.87 21.96
N GLU A 45 -16.85 -21.74 22.37
CA GLU A 45 -17.50 -20.77 23.26
C GLU A 45 -18.69 -20.12 22.59
N GLY A 46 -18.57 -19.87 21.29
CA GLY A 46 -19.61 -19.22 20.51
C GLY A 46 -19.00 -18.45 19.35
N CYS A 47 -18.64 -19.19 18.31
CA CYS A 47 -18.00 -18.61 17.14
C CYS A 47 -19.05 -18.18 16.10
N HIS A 48 -19.59 -16.97 16.31
CA HIS A 48 -20.60 -16.42 15.40
C HIS A 48 -20.19 -15.02 14.94
N ARG A 49 -19.66 -14.23 15.89
CA ARG A 49 -19.23 -12.85 15.61
C ARG A 49 -20.41 -11.98 15.19
N GLU A 50 -20.43 -10.74 15.69
CA GLU A 50 -21.51 -9.79 15.40
C GLU A 50 -21.52 -9.37 13.94
N THR A 51 -20.33 -9.25 13.35
CA THR A 51 -20.19 -8.82 11.97
C THR A 51 -19.89 -10.00 11.05
N GLY A 52 -18.70 -10.59 11.20
CA GLY A 52 -18.29 -11.71 10.38
C GLY A 52 -17.61 -11.21 9.08
N PRO A 53 -16.27 -11.11 9.03
CA PRO A 53 -15.55 -10.62 7.81
C PRO A 53 -15.60 -11.63 6.66
N LYS A 54 -15.56 -11.12 5.42
CA LYS A 54 -15.59 -11.97 4.23
C LYS A 54 -14.65 -11.39 3.13
N PRO A 55 -13.33 -11.28 3.41
CA PRO A 55 -12.34 -10.77 2.40
C PRO A 55 -12.10 -11.78 1.26
N THR A 56 -12.37 -13.05 1.55
CA THR A 56 -12.18 -14.13 0.58
C THR A 56 -12.93 -13.85 -0.73
N GLU A 1 -9.53 -29.19 21.86
CA GLU A 1 -10.91 -28.76 22.20
C GLU A 1 -11.92 -29.78 21.68
N ALA A 2 -11.61 -30.39 20.51
CA ALA A 2 -12.49 -31.40 19.91
C ALA A 2 -13.90 -30.82 19.69
N SER A 3 -14.03 -29.98 18.66
CA SER A 3 -15.32 -29.35 18.33
C SER A 3 -16.07 -30.14 17.28
N VAL A 4 -17.39 -30.29 17.48
CA VAL A 4 -18.25 -31.02 16.55
C VAL A 4 -18.31 -30.34 15.18
N ARG A 5 -18.23 -29.00 15.19
CA ARG A 5 -18.29 -28.22 13.94
C ARG A 5 -17.12 -28.58 13.04
N TYR A 6 -17.43 -28.87 11.76
CA TYR A 6 -16.40 -29.21 10.78
C TYR A 6 -16.82 -28.75 9.39
N ILE A 7 -16.25 -27.62 8.98
CA ILE A 7 -16.54 -27.04 7.66
C ILE A 7 -15.22 -26.82 6.91
N THR A 8 -15.12 -27.36 5.69
CA THR A 8 -13.90 -27.23 4.88
C THR A 8 -14.20 -27.25 3.38
N TYR A 9 -13.32 -26.60 2.61
CA TYR A 9 -13.45 -26.56 1.15
C TYR A 9 -12.08 -26.86 0.49
N PRO A 10 -12.05 -27.39 -0.77
CA PRO A 10 -10.77 -27.79 -1.44
C PRO A 10 -9.82 -26.61 -1.69
N ALA A 11 -10.38 -25.41 -1.89
CA ALA A 11 -9.56 -24.21 -2.14
C ALA A 11 -8.50 -24.49 -3.23
N ILE A 12 -8.98 -24.78 -4.45
CA ILE A 12 -8.08 -25.11 -5.57
C ILE A 12 -7.16 -23.93 -5.87
N ASP A 13 -7.73 -22.73 -5.95
CA ASP A 13 -6.97 -21.52 -6.22
C ASP A 13 -7.78 -20.26 -5.85
N ARG A 14 -8.51 -20.36 -4.73
CA ARG A 14 -9.34 -19.24 -4.26
C ARG A 14 -8.64 -18.51 -3.13
N GLY A 15 -8.27 -17.24 -3.39
CA GLY A 15 -7.61 -16.41 -2.38
C GLY A 15 -8.14 -14.99 -2.41
N ASP A 16 -8.28 -14.40 -1.21
CA ASP A 16 -8.78 -13.03 -1.09
C ASP A 16 -7.96 -12.25 -0.05
N HIS A 17 -7.90 -10.93 -0.23
CA HIS A 17 -7.18 -10.06 0.69
C HIS A 17 -7.73 -8.62 0.65
N ALA A 18 -7.44 -7.87 1.71
CA ALA A 18 -7.90 -6.49 1.81
C ALA A 18 -7.00 -5.68 2.76
N VAL A 19 -6.94 -4.36 2.53
CA VAL A 19 -6.12 -3.46 3.36
C VAL A 19 -6.75 -3.27 4.77
N HIS A 20 -8.04 -3.59 4.90
CA HIS A 20 -8.76 -3.43 6.17
C HIS A 20 -8.20 -4.37 7.24
N CYS A 21 -8.25 -3.93 8.50
CA CYS A 21 -7.75 -4.72 9.62
C CYS A 21 -8.77 -5.77 10.03
N ASP A 22 -8.29 -6.95 10.44
CA ASP A 22 -9.16 -8.02 10.88
C ASP A 22 -9.77 -7.67 12.22
N LYS A 23 -11.08 -7.79 12.34
CA LYS A 23 -11.76 -7.49 13.61
C LYS A 23 -11.38 -8.50 14.71
N ALA A 24 -10.94 -9.69 14.27
CA ALA A 24 -10.51 -10.74 15.19
C ALA A 24 -8.99 -10.72 15.36
N HIS A 25 -8.29 -10.25 14.31
CA HIS A 25 -6.84 -10.13 14.34
C HIS A 25 -6.41 -8.70 13.92
N PRO A 26 -6.93 -7.64 14.59
CA PRO A 26 -6.52 -6.25 14.29
C PRO A 26 -5.07 -5.96 14.72
N ASN A 27 -4.60 -6.76 15.68
CA ASN A 27 -3.24 -6.66 16.20
C ASN A 27 -2.22 -6.98 15.10
N THR A 28 -2.56 -7.93 14.22
CA THR A 28 -1.66 -8.33 13.14
C THR A 28 -1.82 -7.41 11.90
N CYS A 29 -2.82 -6.52 11.95
CA CYS A 29 -3.08 -5.62 10.85
C CYS A 29 -1.88 -4.70 10.62
N LYS A 30 -1.46 -4.57 9.35
CA LYS A 30 -0.31 -3.74 9.00
C LYS A 30 -0.63 -2.75 7.89
N LYS A 31 0.08 -1.62 7.89
CA LYS A 31 -0.11 -0.58 6.87
C LYS A 31 1.21 -0.23 6.22
N LYS A 32 1.14 0.24 4.98
CA LYS A 32 2.35 0.55 4.21
C LYS A 32 2.28 1.95 3.60
N GLN A 33 3.44 2.58 3.42
CA GLN A 33 3.52 3.93 2.85
C GLN A 33 4.86 4.16 2.15
N ALA A 34 4.96 5.29 1.46
CA ALA A 34 6.19 5.66 0.74
C ALA A 34 6.65 7.09 1.11
N ASN A 35 6.33 7.53 2.34
CA ASN A 35 6.71 8.87 2.82
C ASN A 35 6.08 9.97 1.93
N PRO A 36 5.86 11.19 2.48
CA PRO A 36 5.24 12.32 1.71
C PRO A 36 6.21 12.92 0.69
N TYR A 37 7.50 12.76 0.96
CA TYR A 37 8.55 13.27 0.09
C TYR A 37 8.47 12.58 -1.28
N ARG A 38 8.53 13.39 -2.35
CA ARG A 38 8.45 12.87 -3.72
C ARG A 38 9.48 13.54 -4.61
N ARG A 39 10.13 12.74 -5.45
CA ARG A 39 11.12 13.23 -6.38
C ARG A 39 11.25 12.29 -7.56
N GLY A 40 11.42 12.84 -8.77
CA GLY A 40 11.52 12.03 -9.99
C GLY A 40 12.76 12.41 -10.80
N CYS A 41 13.15 11.51 -11.72
CA CYS A 41 14.31 11.73 -12.58
C CYS A 41 13.89 12.45 -13.86
N GLY A 42 14.37 13.68 -14.03
CA GLY A 42 14.03 14.49 -15.21
C GLY A 42 15.25 15.27 -15.75
N VAL A 43 16.45 14.82 -15.39
CA VAL A 43 17.69 15.48 -15.83
C VAL A 43 17.87 15.38 -17.34
N LEU A 44 17.40 14.26 -17.92
CA LEU A 44 17.49 14.00 -19.37
C LEU A 44 18.95 13.86 -19.85
N GLU A 45 19.92 13.93 -18.91
CA GLU A 45 21.35 13.79 -19.26
C GLU A 45 21.64 12.37 -19.73
N GLY A 46 20.97 11.40 -19.11
CA GLY A 46 21.14 9.98 -19.42
C GLY A 46 20.59 9.12 -18.28
N CYS A 47 19.32 9.35 -17.96
CA CYS A 47 18.65 8.65 -16.87
C CYS A 47 18.30 7.22 -17.28
N HIS A 48 18.77 6.23 -16.48
CA HIS A 48 18.50 4.83 -16.78
C HIS A 48 18.55 3.95 -15.52
N ARG A 49 17.65 2.95 -15.47
CA ARG A 49 17.52 2.05 -14.30
C ARG A 49 18.79 1.21 -14.07
N GLU A 50 19.42 0.74 -15.16
CA GLU A 50 20.59 -0.14 -15.04
C GLU A 50 21.85 0.63 -15.32
N THR A 51 22.93 0.17 -14.72
CA THR A 51 24.22 0.81 -14.88
C THR A 51 24.69 0.71 -16.33
N GLY A 52 24.53 -0.48 -16.93
CA GLY A 52 24.94 -0.72 -18.30
C GLY A 52 24.30 -2.00 -18.85
N PRO A 53 24.29 -2.21 -20.19
CA PRO A 53 23.67 -3.44 -20.80
C PRO A 53 24.50 -4.70 -20.58
N LYS A 54 25.83 -4.52 -20.48
CA LYS A 54 26.73 -5.65 -20.29
C LYS A 54 27.71 -5.40 -19.13
N PRO A 55 27.21 -5.35 -17.88
CA PRO A 55 28.07 -5.21 -16.66
C PRO A 55 29.03 -6.40 -16.50
N THR A 56 28.69 -7.53 -17.15
CA THR A 56 29.49 -8.75 -17.07
C THR A 56 30.97 -8.46 -17.37
N GLU A 1 9.97 -31.51 -16.59
CA GLU A 1 9.39 -30.16 -16.87
C GLU A 1 10.11 -29.12 -16.00
N ALA A 2 11.10 -28.45 -16.58
CA ALA A 2 11.85 -27.41 -15.87
C ALA A 2 10.93 -26.26 -15.49
N SER A 3 11.11 -25.71 -14.28
CA SER A 3 10.27 -24.63 -13.80
C SER A 3 10.57 -23.33 -14.54
N VAL A 4 9.56 -22.45 -14.58
CA VAL A 4 9.69 -21.14 -15.24
C VAL A 4 8.39 -20.33 -15.04
N ARG A 5 8.50 -19.18 -14.35
CA ARG A 5 7.34 -18.34 -14.09
C ARG A 5 7.69 -16.85 -14.23
N TYR A 6 6.69 -16.05 -14.61
CA TYR A 6 6.86 -14.60 -14.75
C TYR A 6 5.73 -13.89 -14.04
N ILE A 7 6.01 -12.69 -13.52
CA ILE A 7 4.99 -11.91 -12.79
C ILE A 7 4.99 -10.44 -13.23
N THR A 8 3.80 -9.85 -13.25
CA THR A 8 3.64 -8.44 -13.61
C THR A 8 2.85 -7.69 -12.55
N TYR A 9 2.96 -6.36 -12.54
CA TYR A 9 2.27 -5.55 -11.54
C TYR A 9 0.73 -5.56 -11.79
N PRO A 10 -0.10 -5.44 -10.73
CA PRO A 10 -1.60 -5.49 -10.87
C PRO A 10 -2.16 -4.25 -11.60
N ALA A 11 -1.50 -3.10 -11.40
CA ALA A 11 -1.95 -1.85 -12.02
C ALA A 11 -3.40 -1.57 -11.68
N ILE A 12 -3.62 -1.00 -10.49
CA ILE A 12 -5.00 -0.70 -10.01
C ILE A 12 -5.15 0.80 -9.72
N ASP A 13 -4.58 1.62 -10.62
CA ASP A 13 -4.56 3.10 -10.46
C ASP A 13 -3.48 3.53 -9.46
N ARG A 14 -2.96 2.56 -8.67
CA ARG A 14 -1.85 2.82 -7.76
C ARG A 14 -2.12 4.01 -6.84
N GLY A 15 -3.40 4.23 -6.52
CA GLY A 15 -3.80 5.32 -5.63
C GLY A 15 -3.86 4.82 -4.19
N ASP A 16 -4.40 5.66 -3.30
CA ASP A 16 -4.52 5.30 -1.89
C ASP A 16 -5.86 4.59 -1.65
N HIS A 17 -5.80 3.27 -1.49
CA HIS A 17 -7.00 2.45 -1.27
C HIS A 17 -7.18 2.15 0.21
N ALA A 18 -8.41 2.32 0.70
CA ALA A 18 -8.72 2.09 2.12
C ALA A 18 -8.44 0.63 2.49
N VAL A 19 -7.84 0.45 3.67
CA VAL A 19 -7.51 -0.89 4.17
C VAL A 19 -8.09 -1.07 5.58
N HIS A 20 -8.85 -2.15 5.78
CA HIS A 20 -9.45 -2.43 7.09
C HIS A 20 -8.78 -3.61 7.76
N CYS A 21 -8.41 -3.42 9.03
CA CYS A 21 -7.76 -4.46 9.82
C CYS A 21 -8.75 -5.55 10.21
N ASP A 22 -8.23 -6.76 10.49
CA ASP A 22 -9.08 -7.89 10.86
C ASP A 22 -9.74 -7.62 12.20
N LYS A 23 -11.05 -7.83 12.28
CA LYS A 23 -11.78 -7.65 13.55
C LYS A 23 -11.35 -8.69 14.60
N ALA A 24 -10.83 -9.83 14.12
CA ALA A 24 -10.35 -10.90 15.00
C ALA A 24 -8.84 -10.81 15.20
N HIS A 25 -8.14 -10.26 14.19
CA HIS A 25 -6.71 -10.06 14.26
C HIS A 25 -6.35 -8.59 13.91
N PRO A 26 -6.94 -7.60 14.63
CA PRO A 26 -6.65 -6.15 14.37
C PRO A 26 -5.23 -5.77 14.83
N ASN A 27 -4.72 -6.52 15.79
CA ASN A 27 -3.38 -6.29 16.33
C ASN A 27 -2.28 -6.67 15.33
N THR A 28 -2.58 -7.63 14.43
CA THR A 28 -1.57 -8.14 13.48
C THR A 28 -1.88 -7.78 12.03
N CYS A 29 -2.82 -6.86 11.81
CA CYS A 29 -3.18 -6.47 10.44
C CYS A 29 -2.04 -5.70 9.78
N LYS A 30 -1.94 -5.83 8.44
CA LYS A 30 -0.90 -5.15 7.67
C LYS A 30 -1.45 -4.66 6.33
N LYS A 31 -1.76 -5.61 5.44
CA LYS A 31 -2.27 -5.29 4.11
C LYS A 31 -3.36 -6.26 3.71
N LYS A 32 -4.25 -5.82 2.82
CA LYS A 32 -5.38 -6.65 2.38
C LYS A 32 -5.45 -6.68 0.86
N GLN A 33 -5.96 -7.81 0.32
CA GLN A 33 -6.06 -7.98 -1.13
C GLN A 33 -7.22 -8.91 -1.49
N ALA A 34 -7.52 -8.98 -2.78
CA ALA A 34 -8.57 -9.86 -3.29
C ALA A 34 -8.03 -11.25 -3.56
N ASN A 35 -8.92 -12.17 -3.95
CA ASN A 35 -8.53 -13.54 -4.22
C ASN A 35 -7.57 -13.63 -5.43
N PRO A 36 -6.71 -14.65 -5.48
CA PRO A 36 -5.68 -14.79 -6.57
C PRO A 36 -6.28 -15.35 -7.87
N TYR A 37 -7.44 -16.01 -7.74
CA TYR A 37 -8.11 -16.62 -8.88
C TYR A 37 -8.43 -15.57 -9.94
N ARG A 38 -9.04 -14.47 -9.50
CA ARG A 38 -9.34 -13.36 -10.39
C ARG A 38 -8.05 -12.79 -10.91
N ARG A 39 -7.12 -12.55 -9.97
CA ARG A 39 -5.86 -11.95 -10.30
C ARG A 39 -4.93 -11.97 -9.09
N GLY A 40 -3.63 -12.22 -9.33
CA GLY A 40 -2.64 -12.27 -8.26
C GLY A 40 -1.72 -11.05 -8.28
N CYS A 41 -1.38 -10.54 -7.10
CA CYS A 41 -0.51 -9.37 -6.98
C CYS A 41 0.95 -9.72 -7.25
N GLY A 42 1.72 -8.71 -7.67
CA GLY A 42 3.16 -8.89 -7.97
C GLY A 42 3.98 -7.64 -7.62
N VAL A 43 3.38 -6.71 -6.86
CA VAL A 43 4.08 -5.48 -6.44
C VAL A 43 5.28 -5.81 -5.55
N LEU A 44 5.20 -6.95 -4.84
CA LEU A 44 6.27 -7.43 -3.94
C LEU A 44 6.40 -6.56 -2.66
N GLU A 45 5.62 -5.47 -2.58
CA GLU A 45 5.62 -4.61 -1.38
C GLU A 45 5.04 -5.37 -0.19
N GLY A 46 4.03 -6.19 -0.47
CA GLY A 46 3.37 -7.01 0.54
C GLY A 46 2.50 -8.04 -0.12
N CYS A 47 3.10 -8.80 -1.02
CA CYS A 47 2.39 -9.82 -1.78
C CYS A 47 3.17 -11.13 -1.79
N HIS A 48 2.55 -12.19 -1.24
CA HIS A 48 3.16 -13.52 -1.20
C HIS A 48 2.09 -14.60 -0.96
N ARG A 49 1.65 -15.24 -2.06
CA ARG A 49 0.66 -16.30 -1.97
C ARG A 49 0.58 -17.05 -3.31
N GLU A 50 0.40 -18.38 -3.23
CA GLU A 50 0.31 -19.20 -4.45
C GLU A 50 -0.59 -20.42 -4.24
N THR A 51 -1.05 -20.99 -5.35
CA THR A 51 -1.91 -22.17 -5.33
C THR A 51 -1.76 -22.97 -6.63
N GLY A 52 -1.95 -24.29 -6.54
CA GLY A 52 -1.82 -25.16 -7.71
C GLY A 52 -2.89 -26.28 -7.71
N PRO A 53 -4.19 -25.93 -7.81
CA PRO A 53 -5.29 -26.95 -7.84
C PRO A 53 -5.30 -27.75 -9.14
N LYS A 54 -5.82 -28.99 -9.07
CA LYS A 54 -5.89 -29.86 -10.23
C LYS A 54 -7.31 -30.48 -10.37
N PRO A 55 -8.27 -29.76 -11.00
CA PRO A 55 -9.66 -30.27 -11.19
C PRO A 55 -9.71 -31.45 -12.19
N THR A 56 -8.69 -31.52 -13.05
CA THR A 56 -8.60 -32.56 -14.06
C THR A 56 -8.73 -33.94 -13.44
N GLU A 1 9.43 -24.78 -25.24
CA GLU A 1 8.62 -25.47 -24.20
C GLU A 1 7.17 -25.62 -24.68
N ALA A 2 6.36 -26.32 -23.88
CA ALA A 2 4.95 -26.55 -24.21
C ALA A 2 4.19 -25.22 -24.28
N SER A 3 3.26 -25.12 -25.23
CA SER A 3 2.46 -23.91 -25.42
C SER A 3 1.58 -23.66 -24.19
N VAL A 4 1.48 -22.38 -23.80
CA VAL A 4 0.67 -21.99 -22.64
C VAL A 4 -0.32 -20.88 -23.05
N ARG A 5 -1.60 -21.09 -22.73
CA ARG A 5 -2.65 -20.10 -23.05
C ARG A 5 -3.09 -19.34 -21.82
N TYR A 6 -2.70 -18.08 -21.74
CA TYR A 6 -3.07 -17.20 -20.62
C TYR A 6 -2.57 -15.76 -20.86
N ILE A 7 -3.32 -15.03 -21.68
CA ILE A 7 -2.96 -13.65 -22.02
C ILE A 7 -4.11 -12.70 -21.68
N THR A 8 -3.84 -11.71 -20.83
CA THR A 8 -4.84 -10.72 -20.43
C THR A 8 -4.26 -9.31 -20.47
N TYR A 9 -5.16 -8.31 -20.53
CA TYR A 9 -4.74 -6.90 -20.59
C TYR A 9 -3.98 -6.52 -19.29
N PRO A 10 -2.83 -5.79 -19.39
CA PRO A 10 -2.03 -5.40 -18.18
C PRO A 10 -2.73 -4.35 -17.31
N ALA A 11 -2.38 -4.35 -16.02
CA ALA A 11 -2.96 -3.40 -15.06
C ALA A 11 -1.89 -2.45 -14.54
N ILE A 12 -2.24 -1.17 -14.43
CA ILE A 12 -1.31 -0.14 -13.96
C ILE A 12 -0.85 -0.46 -12.52
N ASP A 13 -1.81 -0.78 -11.66
CA ASP A 13 -1.52 -1.12 -10.26
C ASP A 13 -2.80 -1.53 -9.52
N ARG A 14 -3.90 -0.85 -9.85
CA ARG A 14 -5.21 -1.13 -9.24
C ARG A 14 -5.12 -1.20 -7.71
N GLY A 15 -6.25 -1.53 -7.05
CA GLY A 15 -6.30 -1.63 -5.59
C GLY A 15 -6.75 -0.32 -4.96
N ASP A 16 -7.25 -0.41 -3.73
CA ASP A 16 -7.72 0.76 -2.98
C ASP A 16 -6.69 1.18 -1.93
N HIS A 17 -6.48 2.50 -1.81
CA HIS A 17 -5.53 3.03 -0.83
C HIS A 17 -5.96 2.70 0.59
N ALA A 18 -7.27 2.80 0.84
CA ALA A 18 -7.82 2.50 2.16
C ALA A 18 -7.78 1.00 2.45
N VAL A 19 -7.48 0.64 3.69
CA VAL A 19 -7.43 -0.76 4.10
C VAL A 19 -7.99 -0.92 5.52
N HIS A 20 -8.66 -2.05 5.77
CA HIS A 20 -9.27 -2.31 7.08
C HIS A 20 -8.62 -3.52 7.77
N CYS A 21 -8.32 -3.35 9.05
CA CYS A 21 -7.69 -4.41 9.85
C CYS A 21 -8.70 -5.49 10.22
N ASP A 22 -8.20 -6.71 10.50
CA ASP A 22 -9.05 -7.84 10.86
C ASP A 22 -9.69 -7.59 12.22
N LYS A 23 -10.99 -7.85 12.29
CA LYS A 23 -11.74 -7.69 13.53
C LYS A 23 -11.33 -8.74 14.58
N ALA A 24 -10.79 -9.87 14.11
CA ALA A 24 -10.30 -10.93 14.98
C ALA A 24 -8.78 -10.83 15.18
N HIS A 25 -8.11 -10.25 14.18
CA HIS A 25 -6.67 -10.04 14.24
C HIS A 25 -6.34 -8.56 13.91
N PRO A 26 -6.94 -7.59 14.63
CA PRO A 26 -6.66 -6.13 14.39
C PRO A 26 -5.26 -5.75 14.83
N ASN A 27 -4.74 -6.48 15.80
CA ASN A 27 -3.40 -6.24 16.34
C ASN A 27 -2.31 -6.64 15.33
N THR A 28 -2.61 -7.62 14.45
CA THR A 28 -1.62 -8.13 13.50
C THR A 28 -1.99 -7.84 12.03
N CYS A 29 -2.92 -6.90 11.80
CA CYS A 29 -3.33 -6.56 10.44
C CYS A 29 -2.17 -5.94 9.67
N LYS A 30 -2.24 -5.97 8.34
CA LYS A 30 -1.17 -5.43 7.50
C LYS A 30 -1.69 -4.27 6.64
N LYS A 31 -0.86 -3.22 6.53
CA LYS A 31 -1.19 -2.05 5.74
C LYS A 31 -0.77 -2.24 4.29
N LYS A 32 0.42 -2.81 4.10
CA LYS A 32 0.97 -3.03 2.76
C LYS A 32 1.65 -4.38 2.68
N GLN A 33 1.61 -4.99 1.49
CA GLN A 33 2.23 -6.30 1.27
C GLN A 33 2.48 -6.54 -0.22
N ALA A 34 3.11 -7.66 -0.53
CA ALA A 34 3.39 -8.03 -1.91
C ALA A 34 2.59 -9.28 -2.30
N ASN A 35 1.89 -9.20 -3.43
CA ASN A 35 1.08 -10.32 -3.92
C ASN A 35 1.95 -11.47 -4.45
N PRO A 36 1.41 -12.71 -4.51
CA PRO A 36 2.18 -13.89 -5.00
C PRO A 36 2.21 -14.00 -6.52
N TYR A 37 1.27 -13.32 -7.17
CA TYR A 37 1.17 -13.32 -8.63
C TYR A 37 2.02 -12.20 -9.23
N ARG A 38 3.00 -12.59 -10.06
CA ARG A 38 3.90 -11.64 -10.70
C ARG A 38 4.10 -12.03 -12.15
N ARG A 39 4.18 -11.02 -13.01
CA ARG A 39 4.38 -11.25 -14.44
C ARG A 39 5.51 -10.38 -14.97
N GLY A 40 5.51 -9.10 -14.56
CA GLY A 40 6.52 -8.15 -14.99
C GLY A 40 7.87 -8.46 -14.34
N CYS A 41 8.96 -8.11 -15.04
CA CYS A 41 10.31 -8.34 -14.53
C CYS A 41 10.67 -7.34 -13.44
N GLY A 42 11.57 -7.75 -12.55
CA GLY A 42 12.02 -6.88 -11.44
C GLY A 42 13.50 -7.11 -11.09
N VAL A 43 14.19 -7.98 -11.86
CA VAL A 43 15.61 -8.26 -11.63
C VAL A 43 16.48 -7.02 -11.87
N LEU A 44 16.01 -6.13 -12.76
CA LEU A 44 16.72 -4.90 -13.09
C LEU A 44 18.14 -5.17 -13.62
N GLU A 45 18.43 -6.44 -13.96
CA GLU A 45 19.73 -6.81 -14.52
C GLU A 45 19.94 -6.13 -15.88
N GLY A 46 18.85 -6.02 -16.64
CA GLY A 46 18.87 -5.39 -17.95
C GLY A 46 17.59 -5.72 -18.71
N CYS A 47 16.48 -5.64 -18.00
CA CYS A 47 15.17 -5.95 -18.57
C CYS A 47 14.85 -4.97 -19.69
N HIS A 48 14.77 -3.68 -19.33
CA HIS A 48 14.53 -2.62 -20.31
C HIS A 48 13.33 -2.92 -21.22
N ARG A 49 12.99 -1.96 -22.10
CA ARG A 49 11.90 -2.15 -23.06
C ARG A 49 12.24 -3.30 -24.00
N GLU A 50 13.49 -3.30 -24.48
CA GLU A 50 14.01 -4.33 -25.40
C GLU A 50 15.41 -3.93 -25.89
N THR A 51 16.45 -4.29 -25.13
CA THR A 51 17.83 -3.95 -25.46
C THR A 51 18.01 -2.44 -25.47
N GLY A 52 18.65 -1.92 -24.41
CA GLY A 52 18.89 -0.49 -24.28
C GLY A 52 20.39 -0.20 -24.14
N PRO A 53 20.92 0.87 -24.77
CA PRO A 53 22.38 1.18 -24.69
C PRO A 53 22.77 1.75 -23.32
N LYS A 54 24.07 1.64 -22.99
CA LYS A 54 24.59 2.14 -21.72
C LYS A 54 25.87 2.99 -21.92
N PRO A 55 25.72 4.28 -22.31
CA PRO A 55 26.89 5.19 -22.51
C PRO A 55 27.64 5.47 -21.19
N THR A 56 27.00 5.13 -20.05
CA THR A 56 27.59 5.38 -18.74
C THR A 56 29.01 4.82 -18.65
N GLU A 1 17.36 19.05 32.87
CA GLU A 1 17.75 18.00 33.84
C GLU A 1 17.42 16.62 33.25
N ALA A 2 17.76 15.56 34.00
CA ALA A 2 17.51 14.19 33.57
C ALA A 2 16.01 13.93 33.46
N SER A 3 15.62 13.08 32.49
CA SER A 3 14.22 12.74 32.27
C SER A 3 13.39 13.99 31.95
N VAL A 4 12.96 14.10 30.69
CA VAL A 4 12.16 15.25 30.25
C VAL A 4 10.90 14.80 29.51
N ARG A 5 9.91 15.69 29.48
CA ARG A 5 8.62 15.41 28.83
C ARG A 5 8.76 15.50 27.31
N TYR A 6 7.81 14.86 26.61
CA TYR A 6 7.80 14.86 25.15
C TYR A 6 6.43 15.34 24.67
N ILE A 7 6.43 16.30 23.76
CA ILE A 7 5.18 16.87 23.24
C ILE A 7 5.03 16.55 21.74
N THR A 8 3.85 16.03 21.37
CA THR A 8 3.57 15.67 19.98
C THR A 8 3.20 16.89 19.15
N TYR A 9 3.26 16.73 17.83
CA TYR A 9 2.93 17.81 16.91
C TYR A 9 1.97 17.31 15.80
N PRO A 10 1.17 18.20 15.16
CA PRO A 10 0.19 17.77 14.10
C PRO A 10 0.90 17.31 12.82
N ALA A 11 0.27 16.36 12.12
CA ALA A 11 0.84 15.82 10.89
C ALA A 11 -0.25 15.28 9.98
N ILE A 12 0.04 15.22 8.67
CA ILE A 12 -0.92 14.73 7.69
C ILE A 12 -0.86 13.20 7.58
N ASP A 13 0.28 12.69 7.07
CA ASP A 13 0.47 11.23 6.90
C ASP A 13 1.78 10.72 7.53
N ARG A 14 2.38 11.53 8.43
CA ARG A 14 3.64 11.15 9.07
C ARG A 14 3.48 9.87 9.90
N GLY A 15 2.34 9.74 10.58
CA GLY A 15 2.08 8.57 11.44
C GLY A 15 1.41 7.42 10.68
N ASP A 16 1.53 7.44 9.35
CA ASP A 16 0.98 6.41 8.51
C ASP A 16 -0.52 6.21 8.78
N HIS A 17 -1.14 5.26 8.06
CA HIS A 17 -2.56 4.96 8.23
C HIS A 17 -2.90 3.55 7.74
N ALA A 18 -4.10 3.07 8.11
CA ALA A 18 -4.58 1.75 7.70
C ALA A 18 -6.01 1.84 7.20
N VAL A 19 -6.34 1.04 6.19
CA VAL A 19 -7.69 1.03 5.60
C VAL A 19 -8.63 0.12 6.41
N HIS A 20 -8.42 -1.20 6.30
CA HIS A 20 -9.27 -2.17 6.99
C HIS A 20 -8.42 -3.25 7.69
N CYS A 21 -8.43 -3.25 9.03
CA CYS A 21 -7.74 -4.28 9.81
C CYS A 21 -8.69 -5.39 10.20
N ASP A 22 -8.15 -6.57 10.49
CA ASP A 22 -8.96 -7.71 10.86
C ASP A 22 -9.65 -7.48 12.20
N LYS A 23 -10.92 -7.88 12.28
CA LYS A 23 -11.69 -7.75 13.53
C LYS A 23 -11.24 -8.80 14.57
N ALA A 24 -10.67 -9.90 14.08
CA ALA A 24 -10.16 -10.97 14.94
C ALA A 24 -8.65 -10.83 15.12
N HIS A 25 -7.99 -10.22 14.12
CA HIS A 25 -6.56 -9.98 14.16
C HIS A 25 -6.26 -8.48 13.83
N PRO A 26 -6.88 -7.53 14.56
CA PRO A 26 -6.63 -6.07 14.33
C PRO A 26 -5.22 -5.67 14.78
N ASN A 27 -4.74 -6.36 15.81
CA ASN A 27 -3.39 -6.12 16.34
C ASN A 27 -2.30 -6.60 15.38
N THR A 28 -2.64 -7.62 14.57
CA THR A 28 -1.68 -8.20 13.60
C THR A 28 -2.17 -8.03 12.16
N CYS A 29 -3.09 -7.08 11.94
CA CYS A 29 -3.64 -6.83 10.61
C CYS A 29 -2.55 -6.37 9.65
N LYS A 30 -2.83 -6.49 8.34
CA LYS A 30 -1.87 -6.10 7.29
C LYS A 30 -0.63 -6.98 7.36
N LYS A 31 -0.07 -7.30 6.19
CA LYS A 31 1.12 -8.15 6.11
C LYS A 31 2.13 -7.57 5.13
N LYS A 32 3.39 -7.91 5.34
CA LYS A 32 4.48 -7.41 4.51
C LYS A 32 5.35 -8.58 4.04
N GLN A 33 5.99 -8.41 2.88
CA GLN A 33 6.84 -9.47 2.33
C GLN A 33 8.01 -8.91 1.53
N ALA A 34 9.00 -9.77 1.27
CA ALA A 34 10.20 -9.39 0.52
C ALA A 34 11.02 -8.34 1.26
N ASN A 35 10.60 -7.07 1.18
CA ASN A 35 11.28 -5.95 1.86
C ASN A 35 12.79 -5.84 1.45
N PRO A 36 13.33 -4.61 1.27
CA PRO A 36 14.77 -4.42 0.88
C PRO A 36 15.72 -4.58 2.07
N TYR A 37 15.18 -4.40 3.28
CA TYR A 37 15.96 -4.47 4.51
C TYR A 37 16.62 -5.84 4.67
N ARG A 38 15.82 -6.92 4.51
CA ARG A 38 16.33 -8.28 4.65
C ARG A 38 15.38 -9.29 4.04
N ARG A 39 15.96 -10.30 3.38
CA ARG A 39 15.17 -11.37 2.75
C ARG A 39 15.89 -12.74 2.83
N GLY A 40 17.18 -12.75 3.22
CA GLY A 40 17.96 -13.99 3.32
C GLY A 40 19.23 -13.77 4.14
N CYS A 41 19.91 -14.87 4.47
CA CYS A 41 21.15 -14.81 5.27
C CYS A 41 22.35 -14.43 4.40
N GLY A 42 23.41 -13.94 5.07
CA GLY A 42 24.64 -13.55 4.38
C GLY A 42 25.91 -13.94 5.17
N VAL A 43 25.75 -14.81 6.18
CA VAL A 43 26.87 -15.26 7.01
C VAL A 43 27.88 -16.06 6.19
N LEU A 44 27.38 -16.80 5.19
CA LEU A 44 28.22 -17.62 4.30
C LEU A 44 28.95 -18.77 5.05
N GLU A 45 28.68 -18.92 6.35
CA GLU A 45 29.28 -20.02 7.14
C GLU A 45 28.76 -21.37 6.64
N GLY A 46 27.49 -21.39 6.25
CA GLY A 46 26.84 -22.59 5.76
C GLY A 46 25.42 -22.28 5.34
N CYS A 47 24.63 -21.77 6.30
CA CYS A 47 23.24 -21.39 6.04
C CYS A 47 22.49 -22.44 5.23
N HIS A 48 21.79 -23.34 5.93
CA HIS A 48 21.02 -24.39 5.27
C HIS A 48 19.55 -23.98 5.20
N ARG A 49 19.06 -23.78 3.96
CA ARG A 49 17.68 -23.39 3.73
C ARG A 49 17.07 -24.14 2.55
N GLU A 50 15.88 -24.68 2.76
CA GLU A 50 15.16 -25.43 1.71
C GLU A 50 13.74 -24.92 1.60
N THR A 51 13.15 -25.07 0.42
CA THR A 51 11.79 -24.61 0.18
C THR A 51 11.09 -25.44 -0.90
N GLY A 52 9.77 -25.54 -0.78
CA GLY A 52 8.97 -26.30 -1.73
C GLY A 52 7.49 -26.37 -1.28
N PRO A 53 6.82 -25.20 -1.07
CA PRO A 53 5.39 -25.16 -0.62
C PRO A 53 4.43 -25.65 -1.71
N LYS A 54 3.25 -26.13 -1.27
CA LYS A 54 2.24 -26.64 -2.20
C LYS A 54 0.85 -25.98 -1.89
N PRO A 55 0.67 -24.67 -2.17
CA PRO A 55 -0.63 -23.96 -1.92
C PRO A 55 -1.74 -24.46 -2.86
N THR A 56 -1.34 -25.03 -4.00
CA THR A 56 -2.27 -25.53 -5.01
C THR A 56 -3.40 -26.36 -4.37
N GLU A 1 0.22 -21.80 -34.14
CA GLU A 1 -0.90 -22.59 -33.56
C GLU A 1 -1.75 -21.68 -32.67
N ALA A 2 -1.10 -21.07 -31.68
CA ALA A 2 -1.77 -20.17 -30.74
C ALA A 2 -2.28 -18.92 -31.45
N SER A 3 -3.42 -18.41 -30.98
CA SER A 3 -4.02 -17.19 -31.55
C SER A 3 -3.12 -15.99 -31.30
N VAL A 4 -3.31 -14.93 -32.13
CA VAL A 4 -2.51 -13.68 -32.08
C VAL A 4 -1.01 -13.94 -32.21
N ARG A 5 -0.33 -13.05 -32.94
CA ARG A 5 1.10 -13.23 -33.21
C ARG A 5 1.91 -13.26 -31.91
N TYR A 6 1.68 -12.26 -31.03
CA TYR A 6 2.37 -12.21 -29.71
C TYR A 6 1.95 -10.96 -28.95
N ILE A 7 0.84 -11.05 -28.24
CA ILE A 7 0.33 -9.91 -27.44
C ILE A 7 -0.17 -10.36 -26.08
N THR A 8 0.21 -9.61 -25.04
CA THR A 8 -0.18 -9.90 -23.67
C THR A 8 -0.27 -8.59 -22.87
N TYR A 9 -1.33 -8.46 -22.05
CA TYR A 9 -1.50 -7.26 -21.22
C TYR A 9 -1.32 -7.60 -19.72
N PRO A 10 -0.74 -6.69 -18.91
CA PRO A 10 -0.52 -6.94 -17.45
C PRO A 10 -1.77 -6.69 -16.63
N ALA A 11 -1.83 -7.30 -15.44
CA ALA A 11 -2.96 -7.11 -14.52
C ALA A 11 -2.54 -6.23 -13.34
N ILE A 12 -2.51 -4.91 -13.59
CA ILE A 12 -2.07 -3.89 -12.61
C ILE A 12 -2.65 -4.10 -11.19
N ASP A 13 -3.69 -4.93 -11.06
CA ASP A 13 -4.23 -5.26 -9.74
C ASP A 13 -3.21 -6.07 -8.90
N ARG A 14 -2.06 -6.42 -9.53
CA ARG A 14 -0.98 -7.22 -8.90
C ARG A 14 -0.85 -6.92 -7.40
N GLY A 15 -0.85 -7.99 -6.61
CA GLY A 15 -0.72 -7.86 -5.16
C GLY A 15 -2.00 -7.32 -4.54
N ASP A 16 -1.92 -6.94 -3.27
CA ASP A 16 -3.05 -6.36 -2.56
C ASP A 16 -2.59 -5.23 -1.64
N HIS A 17 -2.57 -4.00 -2.19
CA HIS A 17 -2.13 -2.82 -1.43
C HIS A 17 -3.25 -2.24 -0.53
N ALA A 18 -4.49 -2.72 -0.72
CA ALA A 18 -5.62 -2.23 0.09
C ALA A 18 -6.27 -3.37 0.87
N VAL A 19 -6.18 -3.28 2.20
CA VAL A 19 -6.78 -4.29 3.08
C VAL A 19 -7.16 -3.68 4.44
N HIS A 20 -8.35 -4.06 4.94
CA HIS A 20 -8.83 -3.58 6.23
C HIS A 20 -8.32 -4.48 7.35
N CYS A 21 -8.17 -3.91 8.55
CA CYS A 21 -7.70 -4.66 9.71
C CYS A 21 -8.73 -5.70 10.12
N ASP A 22 -8.25 -6.91 10.48
CA ASP A 22 -9.14 -7.97 10.90
C ASP A 22 -9.76 -7.63 12.23
N LYS A 23 -11.08 -7.80 12.35
CA LYS A 23 -11.78 -7.52 13.61
C LYS A 23 -11.39 -8.54 14.69
N ALA A 24 -10.93 -9.72 14.25
CA ALA A 24 -10.50 -10.79 15.15
C ALA A 24 -8.98 -10.75 15.33
N HIS A 25 -8.27 -10.27 14.29
CA HIS A 25 -6.83 -10.14 14.33
C HIS A 25 -6.40 -8.70 13.91
N PRO A 26 -6.93 -7.65 14.59
CA PRO A 26 -6.54 -6.24 14.29
C PRO A 26 -5.11 -5.94 14.74
N ASN A 27 -4.64 -6.74 15.71
CA ASN A 27 -3.28 -6.62 16.23
C ASN A 27 -2.24 -6.91 15.14
N THR A 28 -2.56 -7.87 14.26
CA THR A 28 -1.65 -8.27 13.17
C THR A 28 -1.89 -7.47 11.90
N CYS A 29 -2.81 -6.49 11.96
CA CYS A 29 -3.15 -5.66 10.82
C CYS A 29 -1.91 -4.96 10.27
N LYS A 30 -1.87 -4.85 8.95
CA LYS A 30 -0.73 -4.27 8.25
C LYS A 30 -0.43 -2.88 8.78
N LYS A 31 0.83 -2.67 9.11
CA LYS A 31 1.29 -1.41 9.66
C LYS A 31 1.28 -0.30 8.63
N LYS A 32 1.69 -0.63 7.40
CA LYS A 32 1.81 0.37 6.34
C LYS A 32 1.26 -0.16 5.03
N GLN A 33 0.75 0.77 4.21
CA GLN A 33 0.20 0.42 2.89
C GLN A 33 0.39 1.55 1.88
N ALA A 34 0.12 2.78 2.34
CA ALA A 34 0.25 3.97 1.50
C ALA A 34 1.70 4.20 1.10
N ASN A 35 1.91 4.60 -0.16
CA ASN A 35 3.25 4.88 -0.66
C ASN A 35 3.73 6.29 -0.23
N PRO A 36 5.05 6.52 -0.11
CA PRO A 36 5.60 7.85 0.32
C PRO A 36 5.52 8.88 -0.81
N TYR A 37 5.47 8.38 -2.05
CA TYR A 37 5.42 9.21 -3.24
C TYR A 37 4.11 9.99 -3.31
N ARG A 38 4.21 11.30 -3.58
CA ARG A 38 3.04 12.17 -3.72
C ARG A 38 3.23 13.12 -4.89
N ARG A 39 2.16 13.33 -5.65
CA ARG A 39 2.19 14.22 -6.80
C ARG A 39 0.80 14.78 -7.08
N GLY A 40 0.76 16.05 -7.50
CA GLY A 40 -0.51 16.72 -7.81
C GLY A 40 -0.71 16.85 -9.32
N CYS A 41 -1.96 16.79 -9.76
CA CYS A 41 -2.31 16.89 -11.18
C CYS A 41 -1.94 18.29 -11.72
N GLY A 42 -1.18 18.31 -12.83
CA GLY A 42 -0.76 19.57 -13.46
C GLY A 42 -0.63 19.44 -14.99
N VAL A 43 -1.22 18.40 -15.56
CA VAL A 43 -1.18 18.18 -17.02
C VAL A 43 -1.92 19.28 -17.78
N LEU A 44 -2.97 19.83 -17.15
CA LEU A 44 -3.79 20.91 -17.73
C LEU A 44 -4.56 20.46 -19.00
N GLU A 45 -4.44 19.17 -19.36
CA GLU A 45 -5.16 18.62 -20.52
C GLU A 45 -6.66 18.61 -20.27
N GLY A 46 -7.02 18.35 -19.01
CA GLY A 46 -8.43 18.29 -18.59
C GLY A 46 -8.53 17.89 -17.14
N CYS A 47 -7.81 16.81 -16.77
CA CYS A 47 -7.80 16.31 -15.39
C CYS A 47 -9.22 16.20 -14.82
N HIS A 48 -10.06 15.41 -15.49
CA HIS A 48 -11.45 15.20 -15.06
C HIS A 48 -11.97 13.86 -15.56
N ARG A 49 -13.07 13.40 -14.94
CA ARG A 49 -13.67 12.13 -15.30
C ARG A 49 -14.73 12.32 -16.37
N GLU A 50 -15.72 13.17 -16.07
CA GLU A 50 -16.80 13.48 -17.01
C GLU A 50 -17.24 14.94 -16.84
N THR A 51 -18.31 15.33 -17.55
CA THR A 51 -18.85 16.65 -17.46
C THR A 51 -20.32 16.53 -17.12
N GLY A 52 -20.71 17.12 -16.01
CA GLY A 52 -22.08 17.09 -15.57
C GLY A 52 -22.23 16.17 -14.32
N PRO A 53 -22.88 16.65 -13.22
CA PRO A 53 -23.06 15.81 -11.99
C PRO A 53 -24.09 14.72 -12.18
N LYS A 54 -23.97 13.63 -11.42
CA LYS A 54 -24.91 12.51 -11.47
C LYS A 54 -25.39 12.13 -10.05
N PRO A 55 -26.21 12.98 -9.39
CA PRO A 55 -26.72 12.70 -8.00
C PRO A 55 -27.71 11.52 -7.97
N THR A 56 -28.34 11.24 -9.11
CA THR A 56 -29.32 10.17 -9.22
C THR A 56 -28.76 8.85 -8.68
N GLU A 1 -25.38 -5.84 -21.78
CA GLU A 1 -26.45 -4.82 -21.54
C GLU A 1 -25.90 -3.63 -20.73
N ALA A 2 -24.86 -3.89 -19.92
CA ALA A 2 -24.24 -2.85 -19.09
C ALA A 2 -22.77 -3.16 -18.83
N SER A 3 -21.98 -2.10 -18.62
CA SER A 3 -20.54 -2.25 -18.37
C SER A 3 -19.99 -1.05 -17.60
N VAL A 4 -18.81 -1.25 -16.99
CA VAL A 4 -18.16 -0.18 -16.22
C VAL A 4 -16.68 -0.08 -16.59
N ARG A 5 -16.10 1.09 -16.34
CA ARG A 5 -14.68 1.33 -16.62
C ARG A 5 -14.03 2.09 -15.46
N TYR A 6 -12.90 1.58 -14.98
CA TYR A 6 -12.17 2.20 -13.89
C TYR A 6 -10.68 2.07 -14.13
N ILE A 7 -9.95 3.18 -13.98
CA ILE A 7 -8.51 3.20 -14.23
C ILE A 7 -7.74 3.76 -13.02
N THR A 8 -6.66 3.07 -12.66
CA THR A 8 -5.81 3.49 -11.54
C THR A 8 -4.41 2.89 -11.68
N TYR A 9 -3.53 3.61 -12.39
CA TYR A 9 -2.16 3.15 -12.62
C TYR A 9 -1.32 3.27 -11.31
N PRO A 10 -0.53 2.24 -10.91
CA PRO A 10 0.32 2.31 -9.71
C PRO A 10 1.75 2.85 -10.03
N ALA A 11 2.61 2.00 -10.62
CA ALA A 11 3.96 2.38 -11.00
C ALA A 11 4.73 3.05 -9.84
N ILE A 12 4.27 2.83 -8.60
CA ILE A 12 4.95 3.38 -7.41
C ILE A 12 4.46 2.73 -6.09
N ASP A 13 3.35 3.25 -5.55
CA ASP A 13 2.80 2.74 -4.29
C ASP A 13 2.44 1.28 -4.43
N ARG A 14 1.86 0.94 -5.58
CA ARG A 14 1.51 -0.45 -5.90
C ARG A 14 0.74 -1.10 -4.74
N GLY A 15 0.02 -0.28 -3.96
CA GLY A 15 -0.73 -0.76 -2.81
C GLY A 15 -2.06 -1.36 -3.19
N ASP A 16 -2.64 -2.10 -2.25
CA ASP A 16 -3.95 -2.72 -2.42
C ASP A 16 -5.04 -1.66 -2.62
N HIS A 17 -4.87 -0.51 -1.94
CA HIS A 17 -5.84 0.61 -1.98
C HIS A 17 -7.03 0.33 -1.07
N ALA A 18 -7.73 -0.78 -1.35
CA ALA A 18 -8.89 -1.17 -0.54
C ALA A 18 -8.54 -2.32 0.38
N VAL A 19 -8.26 -1.99 1.66
CA VAL A 19 -7.91 -3.00 2.66
C VAL A 19 -8.35 -2.54 4.06
N HIS A 20 -8.82 -3.49 4.87
CA HIS A 20 -9.26 -3.21 6.24
C HIS A 20 -8.65 -4.23 7.22
N CYS A 21 -8.44 -3.79 8.46
CA CYS A 21 -7.86 -4.65 9.49
C CYS A 21 -8.85 -5.69 9.95
N ASP A 22 -8.34 -6.84 10.41
CA ASP A 22 -9.18 -7.92 10.88
C ASP A 22 -9.75 -7.56 12.24
N LYS A 23 -11.03 -7.80 12.39
CA LYS A 23 -11.74 -7.53 13.64
C LYS A 23 -11.33 -8.53 14.74
N ALA A 24 -10.90 -9.72 14.30
CA ALA A 24 -10.43 -10.77 15.22
C ALA A 24 -8.92 -10.73 15.34
N HIS A 25 -8.25 -10.26 14.27
CA HIS A 25 -6.80 -10.14 14.26
C HIS A 25 -6.38 -8.70 13.83
N PRO A 26 -6.90 -7.66 14.51
CA PRO A 26 -6.52 -6.24 14.19
C PRO A 26 -5.08 -5.93 14.65
N ASN A 27 -4.63 -6.68 15.66
CA ASN A 27 -3.28 -6.54 16.20
C ASN A 27 -2.23 -6.92 15.16
N THR A 28 -2.55 -7.92 14.33
CA THR A 28 -1.63 -8.38 13.29
C THR A 28 -1.72 -7.49 12.04
N CYS A 29 -2.84 -6.75 11.93
CA CYS A 29 -3.04 -5.87 10.82
C CYS A 29 -1.99 -4.77 10.80
N LYS A 30 -1.56 -4.42 9.59
CA LYS A 30 -0.52 -3.43 9.40
C LYS A 30 -0.94 -2.08 9.96
N LYS A 31 0.02 -1.36 10.53
CA LYS A 31 -0.23 -0.04 11.11
C LYS A 31 0.76 0.98 10.59
N LYS A 32 0.34 2.24 10.57
CA LYS A 32 1.18 3.33 10.03
C LYS A 32 1.26 4.47 11.03
N GLN A 33 2.39 5.19 10.99
CA GLN A 33 2.62 6.32 11.88
C GLN A 33 3.54 7.35 11.23
N ALA A 34 3.68 8.50 11.87
CA ALA A 34 4.55 9.56 11.35
C ALA A 34 5.99 9.35 11.80
N ASN A 35 6.92 9.44 10.85
CA ASN A 35 8.35 9.27 11.14
C ASN A 35 8.91 10.50 11.87
N PRO A 36 9.99 10.34 12.66
CA PRO A 36 10.60 11.47 13.43
C PRO A 36 11.36 12.44 12.51
N TYR A 37 11.81 11.91 11.38
CA TYR A 37 12.56 12.66 10.39
C TYR A 37 11.67 13.77 9.79
N ARG A 38 12.20 15.00 9.77
CA ARG A 38 11.49 16.16 9.23
C ARG A 38 10.20 16.43 10.01
N ARG A 39 9.91 17.71 10.20
CA ARG A 39 8.70 18.13 10.91
C ARG A 39 8.36 19.58 10.57
N GLY A 40 7.11 19.80 10.15
CA GLY A 40 6.64 21.14 9.79
C GLY A 40 5.69 21.70 10.84
N CYS A 41 5.67 23.03 10.98
CA CYS A 41 4.81 23.70 11.95
C CYS A 41 3.34 23.44 11.60
N GLY A 42 2.59 22.91 12.57
CA GLY A 42 1.16 22.61 12.37
C GLY A 42 0.32 22.87 13.64
N VAL A 43 0.90 23.62 14.59
CA VAL A 43 0.21 23.94 15.85
C VAL A 43 -1.06 24.78 15.59
N LEU A 44 -1.02 25.60 14.54
CA LEU A 44 -2.15 26.47 14.15
C LEU A 44 -2.45 27.56 15.20
N GLU A 45 -1.66 27.62 16.28
CA GLU A 45 -1.83 28.64 17.31
C GLU A 45 -1.54 30.03 16.75
N GLY A 46 -0.55 30.09 15.86
CA GLY A 46 -0.13 31.35 15.23
C GLY A 46 1.07 31.11 14.33
N CYS A 47 2.11 30.48 14.89
CA CYS A 47 3.33 30.16 14.15
C CYS A 47 3.81 31.37 13.31
N HIS A 48 4.23 32.45 14.00
CA HIS A 48 4.70 33.66 13.33
C HIS A 48 3.59 34.22 12.43
N ARG A 49 2.89 35.25 12.93
CA ARG A 49 1.78 35.87 12.18
C ARG A 49 2.26 36.30 10.79
N GLU A 50 1.33 36.28 9.85
CA GLU A 50 1.63 36.65 8.46
C GLU A 50 0.43 37.31 7.82
N THR A 51 0.69 38.23 6.89
CA THR A 51 -0.38 38.94 6.19
C THR A 51 0.10 39.51 4.85
N GLY A 52 -0.86 39.78 3.97
CA GLY A 52 -0.56 40.33 2.64
C GLY A 52 -1.72 41.22 2.15
N PRO A 53 -1.50 42.09 1.15
CA PRO A 53 -2.57 43.01 0.65
C PRO A 53 -3.67 42.27 -0.13
N LYS A 54 -4.89 42.82 -0.06
CA LYS A 54 -6.03 42.24 -0.78
C LYS A 54 -6.79 43.34 -1.60
N PRO A 55 -6.23 43.79 -2.74
CA PRO A 55 -6.90 44.85 -3.58
C PRO A 55 -8.21 44.35 -4.20
N THR A 56 -8.34 43.02 -4.33
CA THR A 56 -9.54 42.42 -4.92
C THR A 56 -10.81 42.96 -4.26
N GLU A 1 -3.44 -10.05 -21.87
CA GLU A 1 -3.15 -10.14 -23.33
C GLU A 1 -1.75 -10.73 -23.53
N ALA A 2 -1.70 -12.03 -23.82
CA ALA A 2 -0.43 -12.74 -23.99
C ALA A 2 0.42 -12.10 -25.07
N SER A 3 1.74 -12.04 -24.82
CA SER A 3 2.68 -11.42 -25.75
C SER A 3 4.05 -12.08 -25.65
N VAL A 4 4.86 -11.90 -26.70
CA VAL A 4 6.21 -12.47 -26.75
C VAL A 4 7.10 -11.81 -25.68
N ARG A 5 6.97 -10.49 -25.54
CA ARG A 5 7.78 -9.73 -24.58
C ARG A 5 6.89 -8.91 -23.64
N TYR A 6 7.40 -8.68 -22.43
CA TYR A 6 6.68 -7.90 -21.43
C TYR A 6 7.58 -6.83 -20.86
N ILE A 7 6.99 -5.70 -20.47
CA ILE A 7 7.75 -4.60 -19.87
C ILE A 7 7.06 -4.12 -18.59
N THR A 8 7.84 -4.02 -17.51
CA THR A 8 7.30 -3.60 -16.21
C THR A 8 8.04 -2.36 -15.70
N TYR A 9 7.27 -1.34 -15.31
CA TYR A 9 7.82 -0.10 -14.77
C TYR A 9 8.36 -0.34 -13.34
N PRO A 10 9.33 0.48 -12.86
CA PRO A 10 9.91 0.29 -11.49
C PRO A 10 8.89 0.61 -10.39
N ALA A 11 8.91 -0.21 -9.33
CA ALA A 11 8.00 -0.03 -8.20
C ALA A 11 8.49 -0.80 -6.98
N ILE A 12 8.11 -0.32 -5.79
CA ILE A 12 8.49 -0.98 -4.53
C ILE A 12 7.41 -1.95 -4.09
N ASP A 13 6.16 -1.48 -4.10
CA ASP A 13 5.02 -2.31 -3.73
C ASP A 13 3.70 -1.60 -4.07
N ARG A 14 3.56 -0.36 -3.59
CA ARG A 14 2.35 0.43 -3.82
C ARG A 14 1.11 -0.34 -3.38
N GLY A 15 -0.07 0.31 -3.51
CA GLY A 15 -1.34 -0.31 -3.13
C GLY A 15 -2.14 -0.71 -4.36
N ASP A 16 -2.38 -2.01 -4.51
CA ASP A 16 -3.14 -2.54 -5.65
C ASP A 16 -4.59 -2.03 -5.63
N HIS A 17 -5.17 -1.97 -4.43
CA HIS A 17 -6.55 -1.51 -4.27
C HIS A 17 -6.79 -0.97 -2.82
N ALA A 18 -7.25 -1.85 -1.90
CA ALA A 18 -7.49 -1.45 -0.51
C ALA A 18 -7.58 -2.68 0.40
N VAL A 19 -7.14 -2.51 1.65
CA VAL A 19 -7.20 -3.59 2.65
C VAL A 19 -7.69 -3.07 4.00
N HIS A 20 -8.23 -3.98 4.81
CA HIS A 20 -8.73 -3.64 6.15
C HIS A 20 -8.13 -4.55 7.22
N CYS A 21 -8.23 -4.10 8.48
CA CYS A 21 -7.72 -4.85 9.61
C CYS A 21 -8.76 -5.85 10.08
N ASP A 22 -8.31 -7.07 10.43
CA ASP A 22 -9.22 -8.10 10.89
C ASP A 22 -9.80 -7.69 12.23
N LYS A 23 -11.12 -7.74 12.35
CA LYS A 23 -11.78 -7.38 13.61
C LYS A 23 -11.43 -8.38 14.72
N ALA A 24 -11.03 -9.59 14.32
CA ALA A 24 -10.63 -10.64 15.27
C ALA A 24 -9.11 -10.70 15.40
N HIS A 25 -8.40 -10.24 14.35
CA HIS A 25 -6.95 -10.20 14.34
C HIS A 25 -6.47 -8.79 13.90
N PRO A 26 -6.93 -7.71 14.57
CA PRO A 26 -6.49 -6.31 14.24
C PRO A 26 -5.04 -6.06 14.69
N ASN A 27 -4.57 -6.90 15.62
CA ASN A 27 -3.23 -6.81 16.16
C ASN A 27 -2.16 -7.01 15.09
N THR A 28 -2.44 -7.91 14.12
CA THR A 28 -1.47 -8.18 13.04
C THR A 28 -1.56 -7.14 11.94
N CYS A 29 -2.74 -6.52 11.81
CA CYS A 29 -2.95 -5.52 10.80
C CYS A 29 -2.04 -4.34 11.01
N LYS A 30 -1.51 -3.83 9.91
CA LYS A 30 -0.55 -2.73 9.95
C LYS A 30 -1.23 -1.39 9.69
N LYS A 31 -0.98 -0.44 10.59
CA LYS A 31 -1.54 0.91 10.47
C LYS A 31 -0.50 1.95 10.81
N LYS A 32 -0.66 3.14 10.25
CA LYS A 32 0.31 4.22 10.46
C LYS A 32 -0.31 5.46 11.03
N GLN A 33 -1.57 5.71 10.65
CA GLN A 33 -2.27 6.90 11.09
C GLN A 33 -3.72 6.58 11.44
N ALA A 34 -4.37 7.54 12.09
CA ALA A 34 -5.76 7.39 12.50
C ALA A 34 -6.38 8.75 12.82
N ASN A 35 -7.71 8.80 12.84
CA ASN A 35 -8.44 10.03 13.15
C ASN A 35 -9.42 9.81 14.31
N PRO A 36 -9.76 10.85 15.09
CA PRO A 36 -10.67 10.71 16.27
C PRO A 36 -12.13 10.56 15.85
N TYR A 37 -12.46 11.06 14.66
CA TYR A 37 -13.80 11.02 14.15
C TYR A 37 -14.09 9.66 13.49
N ARG A 38 -13.39 9.38 12.38
CA ARG A 38 -13.53 8.11 11.67
C ARG A 38 -14.99 7.85 11.26
N ARG A 39 -15.17 6.96 10.28
CA ARG A 39 -16.50 6.60 9.80
C ARG A 39 -16.50 5.17 9.30
N GLY A 40 -17.58 4.43 9.60
CA GLY A 40 -17.67 3.03 9.20
C GLY A 40 -18.01 2.88 7.71
N CYS A 41 -17.08 2.26 6.98
CA CYS A 41 -17.27 2.01 5.54
C CYS A 41 -17.91 0.65 5.31
N GLY A 42 -18.45 0.46 4.11
CA GLY A 42 -19.17 -0.77 3.76
C GLY A 42 -20.69 -0.59 3.83
N VAL A 43 -21.12 0.55 4.38
CA VAL A 43 -22.55 0.91 4.41
C VAL A 43 -23.09 1.06 2.98
N LEU A 44 -22.18 1.36 2.03
CA LEU A 44 -22.51 1.55 0.62
C LEU A 44 -23.38 2.81 0.37
N GLU A 45 -23.67 3.56 1.45
CA GLU A 45 -24.39 4.83 1.34
C GLU A 45 -23.56 5.86 0.60
N GLY A 46 -22.24 5.83 0.84
CA GLY A 46 -21.30 6.74 0.22
C GLY A 46 -19.92 6.63 0.86
N CYS A 47 -19.11 5.71 0.33
CA CYS A 47 -17.76 5.48 0.86
C CYS A 47 -16.76 5.29 -0.28
N HIS A 48 -15.65 6.04 -0.20
CA HIS A 48 -14.59 5.96 -1.20
C HIS A 48 -13.24 6.39 -0.63
N ARG A 49 -12.17 6.04 -1.35
CA ARG A 49 -10.81 6.35 -0.89
C ARG A 49 -10.56 5.77 0.49
N GLU A 50 -9.88 4.62 0.53
CA GLU A 50 -9.60 3.93 1.80
C GLU A 50 -8.12 3.87 2.04
N THR A 51 -7.75 3.40 3.22
CA THR A 51 -6.36 3.25 3.62
C THR A 51 -6.03 1.76 3.79
N GLY A 52 -4.96 1.31 3.12
CA GLY A 52 -4.56 -0.10 3.19
C GLY A 52 -3.09 -0.30 2.77
N PRO A 53 -2.11 0.09 3.60
CA PRO A 53 -0.66 -0.08 3.27
C PRO A 53 -0.24 -1.55 3.33
N LYS A 54 0.76 -1.91 2.52
CA LYS A 54 1.27 -3.29 2.49
C LYS A 54 2.83 -3.31 2.63
N PRO A 55 3.38 -2.98 3.82
CA PRO A 55 4.87 -2.98 4.05
C PRO A 55 5.46 -4.38 4.01
N THR A 56 4.62 -5.39 4.30
CA THR A 56 5.07 -6.78 4.31
C THR A 56 5.69 -7.17 2.97
#